data_5FZO
#
_entry.id   5FZO
#
_cell.length_a   45.320
_cell.length_b   110.920
_cell.length_c   165.310
_cell.angle_alpha   90.00
_cell.angle_beta   90.00
_cell.angle_gamma   90.00
#
_symmetry.space_group_name_H-M   'P 2 21 21'
#
loop_
_entity.id
_entity.type
_entity.pdbx_description
1 polymer 'PROBABLE JMJC DOMAIN-CONTAINING HISTONE DEMETHYLATION PROT EIN 2C'
2 polymer 'PROBABLE JMJC DOMAIN-CONTAINING HISTONE DEMETHYLATION PROT EIN 2C'
3 non-polymer 'MANGANESE (II) ION'
4 non-polymer 'CHLORIDE ION'
5 non-polymer 1,2-ETHANEDIOL
6 water water
#
loop_
_entity_poly.entity_id
_entity_poly.type
_entity_poly.pdbx_seq_one_letter_code
_entity_poly.pdbx_strand_id
1 'polypeptide(L)'
;MIPHSWICEKHILWLKDYKNSSNWKLFKECWKQGQPAVVSGVHKKMNISLWKAESISLDFGDHQADLLNCKDSIISNANV
KEFWDGFEEVSKRQKNKSGETVVLKLKDWPSGEDFKTMMPARYEDLLKSLPLPEYCNPEGKFNLASHLPGFFVRPDLGPR
L(CSD)SAYGVVAAKDHDIGTTNLHIEVSDVVNILVYVGIAKGNGILSKAGILKKFEEEDLDDILRKRLKDSSEIPGALW
HIYAGKDVDKIREFLQKISKEQGLEVLPEHDPIRDQSWYVNKKLRQRLLEEYGVRTCTLIQFLGDAIVLPAGALHQVQNF
HSCIQVTEDFVSPEHLVESFHLTQELRLLAENLYFQ
;
A
2 'polypeptide(L)'
;MIPHSWICEKHILWLKDYKNSSNWKLFKECWKQGQPAVVSGVHKKMNISLWKAESISLDFGDHQADLLNCKDSIISNANV
KEFWDGFEEVSKRQKNKSGETVVLKLKDWPSGEDFKTMMPARYEDLLKSLPLPEYCNPEGKFNLASHLPGFFVRPDLGPR
L(CSD)SAYGVVAAKDHDIGTTNLHIEVDDVVNILVYVGIAKGNGILSKAGILKKFEEEDLDDILRKRLKDSSEIPGALW
HIYAGKDVDKIREFLQKISKEQGLEVLPEHDPIRDQSWYVNKKLRQRLLEEYGVRTCTLIQFLGDAIVLPAGALHQVQNF
HSCIQVTEDFVSPEHLVESFHLTQELRLLAENLYFQ
;
B
#
loop_
_chem_comp.id
_chem_comp.type
_chem_comp.name
_chem_comp.formula
CL non-polymer 'CHLORIDE ION' 'Cl -1'
EDO non-polymer 1,2-ETHANEDIOL 'C2 H6 O2'
MN non-polymer 'MANGANESE (II) ION' 'Mn 2'
#
# COMPACT_ATOMS: atom_id res chain seq x y z
N MET A 1 21.53 -16.02 27.46
CA MET A 1 22.14 -14.70 27.32
C MET A 1 21.87 -14.12 25.94
N ILE A 2 22.02 -12.79 25.86
CA ILE A 2 21.87 -12.05 24.62
C ILE A 2 23.21 -11.46 24.24
N PRO A 3 23.85 -12.00 23.21
CA PRO A 3 25.19 -11.56 22.78
C PRO A 3 25.19 -10.08 22.43
N HIS A 4 26.08 -9.32 23.04
CA HIS A 4 26.10 -7.87 22.81
C HIS A 4 27.43 -7.28 23.22
N SER A 5 27.69 -6.07 22.71
CA SER A 5 28.80 -5.25 23.16
C SER A 5 28.34 -3.82 23.14
N TRP A 6 29.14 -2.95 23.72
CA TRP A 6 28.88 -1.52 23.67
C TRP A 6 29.90 -0.82 22.80
N ILE A 7 29.44 0.15 22.02
CA ILE A 7 30.34 0.95 21.20
C ILE A 7 30.23 2.40 21.65
N CYS A 8 31.26 3.19 21.37
CA CYS A 8 31.26 4.63 21.63
C CYS A 8 31.05 4.97 23.10
N GLU A 9 31.89 4.42 23.99
CA GLU A 9 31.84 4.80 25.40
C GLU A 9 30.44 4.65 25.97
N LYS A 10 29.78 3.52 25.70
CA LYS A 10 28.43 3.20 26.22
C LYS A 10 27.25 3.88 25.58
N HIS A 11 27.41 4.49 24.42
CA HIS A 11 26.26 5.19 23.86
C HIS A 11 25.41 4.26 23.03
N ILE A 12 26.06 3.31 22.37
CA ILE A 12 25.38 2.48 21.39
C ILE A 12 25.46 1.00 21.75
N LEU A 13 24.29 0.36 21.83
CA LEU A 13 24.22 -1.07 22.10
C LEU A 13 24.43 -1.84 20.81
N TRP A 14 25.42 -2.72 20.75
CA TRP A 14 25.59 -3.60 19.59
C TRP A 14 25.01 -4.98 19.89
N LEU A 15 23.90 -5.32 19.24
CA LEU A 15 23.30 -6.66 19.37
C LEU A 15 23.85 -7.53 18.28
N LYS A 16 24.52 -8.59 18.68
CA LYS A 16 25.39 -9.34 17.77
C LYS A 16 24.72 -10.48 17.04
N ASP A 17 23.53 -10.88 17.49
CA ASP A 17 22.84 -12.02 16.89
C ASP A 17 21.43 -11.66 16.45
N TYR A 18 21.24 -11.49 15.14
CA TYR A 18 19.93 -11.12 14.61
C TYR A 18 18.89 -12.21 14.86
N LYS A 19 19.35 -13.43 15.07
CA LYS A 19 18.48 -14.57 15.29
C LYS A 19 18.03 -14.72 16.74
N ASN A 20 18.65 -13.98 17.66
CA ASN A 20 18.26 -14.07 19.07
C ASN A 20 16.92 -13.40 19.33
N SER A 21 15.92 -14.19 19.69
N SER A 21 15.93 -14.19 19.70
CA SER A 21 14.55 -13.70 19.80
CA SER A 21 14.55 -13.73 19.82
C SER A 21 14.28 -12.82 21.02
C SER A 21 14.30 -12.80 21.00
N SER A 22 15.26 -12.73 21.93
CA SER A 22 15.09 -11.89 23.12
C SER A 22 15.82 -10.55 23.03
N ASN A 23 16.35 -10.21 21.84
CA ASN A 23 17.07 -8.95 21.67
C ASN A 23 16.34 -7.75 22.26
N TRP A 24 15.02 -7.72 22.11
CA TRP A 24 14.21 -6.58 22.57
C TRP A 24 14.32 -6.34 24.07
N LYS A 25 14.55 -7.41 24.83
CA LYS A 25 14.59 -7.30 26.29
C LYS A 25 15.78 -6.47 26.77
N LEU A 26 16.89 -6.56 26.05
CA LEU A 26 18.07 -5.79 26.38
C LEU A 26 17.99 -4.41 25.75
N PHE A 27 17.50 -4.36 24.51
CA PHE A 27 17.28 -3.11 23.79
C PHE A 27 16.40 -2.16 24.59
N LYS A 28 15.33 -2.72 25.18
CA LYS A 28 14.35 -1.95 25.92
C LYS A 28 15.03 -1.15 27.02
N GLU A 29 16.00 -1.76 27.67
CA GLU A 29 16.69 -1.12 28.76
C GLU A 29 17.62 -0.01 28.31
N CYS A 30 18.10 -0.08 27.06
N CYS A 30 18.12 -0.11 27.07
CA CYS A 30 19.02 0.95 26.59
CA CYS A 30 19.04 0.90 26.54
C CYS A 30 18.29 2.03 25.82
C CYS A 30 18.26 2.02 25.86
N TRP A 31 17.24 1.63 25.09
CA TRP A 31 16.36 2.56 24.38
C TRP A 31 15.74 3.59 25.32
N LYS A 32 15.38 3.14 26.52
CA LYS A 32 14.68 4.02 27.44
C LYS A 32 15.61 5.14 27.91
N GLN A 33 16.92 4.97 27.75
CA GLN A 33 17.87 6.04 28.04
C GLN A 33 18.23 6.83 26.78
N GLY A 34 17.57 6.54 25.66
CA GLY A 34 17.85 7.25 24.42
C GLY A 34 19.14 6.80 23.75
N GLN A 35 19.57 5.58 24.06
CA GLN A 35 20.73 4.99 23.42
C GLN A 35 20.33 4.30 22.12
N PRO A 36 21.03 4.59 21.01
CA PRO A 36 20.86 3.83 19.77
C PRO A 36 21.32 2.40 19.90
N ALA A 37 20.98 1.59 18.92
CA ALA A 37 21.41 0.22 18.90
C ALA A 37 21.79 -0.14 17.50
N VAL A 38 22.67 -1.12 17.32
N VAL A 38 22.68 -1.12 17.37
CA VAL A 38 22.89 -1.65 15.98
CA VAL A 38 23.00 -1.74 16.09
C VAL A 38 22.81 -3.17 16.05
C VAL A 38 22.65 -3.21 16.19
N VAL A 39 22.04 -3.74 15.14
CA VAL A 39 21.86 -5.19 15.03
C VAL A 39 22.56 -5.63 13.76
N SER A 40 23.54 -6.52 13.90
CA SER A 40 24.29 -6.96 12.74
C SER A 40 23.70 -8.27 12.20
N GLY A 41 23.95 -8.54 10.92
CA GLY A 41 23.54 -9.79 10.32
C GLY A 41 22.14 -9.84 9.70
N VAL A 42 21.47 -8.70 9.56
CA VAL A 42 20.09 -8.71 9.06
C VAL A 42 20.01 -9.13 7.60
N HIS A 43 21.09 -8.93 6.86
CA HIS A 43 21.12 -9.34 5.45
C HIS A 43 21.02 -10.86 5.32
N LYS A 44 21.35 -11.57 6.38
CA LYS A 44 21.22 -13.03 6.36
C LYS A 44 19.77 -13.46 6.44
N LYS A 45 18.94 -12.63 7.06
CA LYS A 45 17.50 -12.89 7.18
C LYS A 45 16.82 -12.54 5.85
N MET A 46 17.34 -11.53 5.19
CA MET A 46 16.74 -11.00 3.96
C MET A 46 16.96 -11.88 2.75
N ASN A 47 16.13 -11.68 1.75
CA ASN A 47 16.36 -12.25 0.43
C ASN A 47 17.36 -11.34 -0.25
N ILE A 48 18.64 -11.54 -0.01
CA ILE A 48 19.61 -10.49 -0.29
C ILE A 48 19.70 -10.15 -1.79
N SER A 49 19.36 -11.11 -2.66
CA SER A 49 19.35 -10.87 -4.10
C SER A 49 18.35 -9.79 -4.55
N LEU A 50 17.24 -9.63 -3.82
CA LEU A 50 16.25 -8.62 -4.14
C LEU A 50 16.83 -7.21 -3.99
N TRP A 51 17.88 -7.08 -3.17
CA TRP A 51 18.36 -5.75 -2.81
C TRP A 51 19.64 -5.34 -3.53
N LYS A 52 20.12 -6.18 -4.45
CA LYS A 52 21.31 -5.84 -5.24
C LYS A 52 21.04 -4.68 -6.19
N ALA A 53 22.06 -3.87 -6.49
CA ALA A 53 21.90 -2.74 -7.39
C ALA A 53 21.38 -3.18 -8.75
N GLU A 54 21.92 -4.28 -9.25
CA GLU A 54 21.52 -4.78 -10.58
C GLU A 54 20.03 -5.08 -10.60
N SER A 55 19.54 -5.66 -9.51
CA SER A 55 18.12 -5.98 -9.42
C SER A 55 17.24 -4.75 -9.29
N ILE A 56 17.60 -3.83 -8.40
CA ILE A 56 16.82 -2.60 -8.22
C ILE A 56 16.88 -1.72 -9.46
N SER A 57 18.05 -1.65 -10.09
CA SER A 57 18.23 -0.93 -11.36
C SER A 57 17.31 -1.46 -12.47
N LEU A 58 17.25 -2.79 -12.59
CA LEU A 58 16.39 -3.39 -13.61
C LEU A 58 14.89 -3.21 -13.32
N ASP A 59 14.49 -3.43 -12.09
CA ASP A 59 13.07 -3.34 -11.75
C ASP A 59 12.51 -1.93 -11.82
N PHE A 60 13.32 -0.94 -11.48
CA PHE A 60 12.78 0.38 -11.24
C PHE A 60 13.51 1.46 -12.02
N GLY A 61 14.41 1.03 -12.90
CA GLY A 61 15.25 1.93 -13.68
C GLY A 61 14.59 2.85 -14.69
N ASP A 62 13.36 2.52 -15.10
CA ASP A 62 12.65 3.31 -16.10
C ASP A 62 11.98 4.56 -15.51
N HIS A 63 11.71 4.54 -14.21
CA HIS A 63 11.08 5.69 -13.57
C HIS A 63 12.05 6.85 -13.47
N GLN A 64 11.54 8.06 -13.69
CA GLN A 64 12.37 9.24 -13.64
C GLN A 64 12.38 9.80 -12.23
N ALA A 65 13.52 10.35 -11.84
CA ALA A 65 13.63 10.98 -10.54
C ALA A 65 14.80 11.95 -10.56
N ASP A 66 14.85 12.83 -9.56
CA ASP A 66 15.96 13.77 -9.46
C ASP A 66 17.14 13.13 -8.74
N LEU A 67 18.33 13.31 -9.30
CA LEU A 67 19.55 12.88 -8.67
C LEU A 67 20.19 14.08 -8.02
N LEU A 68 20.68 13.92 -6.79
CA LEU A 68 21.35 15.01 -6.08
C LEU A 68 22.87 14.88 -6.11
N ASN A 69 23.56 15.99 -6.35
CA ASN A 69 25.00 16.07 -6.11
C ASN A 69 25.23 16.30 -4.60
N CYS A 70 25.92 15.37 -3.94
CA CYS A 70 26.00 15.44 -2.47
C CYS A 70 26.92 16.55 -1.97
N LYS A 71 27.80 17.03 -2.83
CA LYS A 71 28.74 18.10 -2.48
C LYS A 71 27.98 19.40 -2.24
N ASP A 72 27.10 19.78 -3.17
CA ASP A 72 26.41 21.08 -3.09
C ASP A 72 24.87 20.99 -3.00
N SER A 73 24.34 19.78 -3.02
CA SER A 73 22.88 19.56 -2.96
C SER A 73 22.14 20.24 -4.12
N ILE A 74 22.84 20.41 -5.23
CA ILE A 74 22.21 20.89 -6.47
C ILE A 74 21.73 19.67 -7.29
N ILE A 75 20.50 19.71 -7.78
CA ILE A 75 19.99 18.59 -8.58
C ILE A 75 20.79 18.45 -9.88
N SER A 76 21.18 17.21 -10.17
CA SER A 76 22.06 16.90 -11.26
C SER A 76 21.29 16.80 -12.58
N ASN A 77 22.02 16.93 -13.68
CA ASN A 77 21.40 16.73 -14.99
C ASN A 77 21.27 15.24 -15.31
N ALA A 78 21.93 14.37 -14.53
CA ALA A 78 21.88 12.93 -14.79
C ALA A 78 20.47 12.35 -14.60
N ASN A 79 20.14 11.30 -15.36
CA ASN A 79 18.89 10.59 -15.12
C ASN A 79 19.15 9.31 -14.31
N VAL A 80 18.08 8.59 -13.96
CA VAL A 80 18.21 7.39 -13.14
C VAL A 80 19.10 6.36 -13.82
N LYS A 81 18.96 6.20 -15.13
CA LYS A 81 19.79 5.27 -15.87
C LYS A 81 21.29 5.62 -15.77
N GLU A 82 21.62 6.91 -15.89
CA GLU A 82 23.00 7.33 -15.79
C GLU A 82 23.49 7.14 -14.35
N PHE A 83 22.60 7.35 -13.39
CA PHE A 83 22.97 7.12 -11.99
C PHE A 83 23.39 5.68 -11.77
N TRP A 84 22.52 4.74 -12.18
CA TRP A 84 22.84 3.34 -11.93
C TRP A 84 24.04 2.86 -12.75
N ASP A 85 24.21 3.37 -13.96
CA ASP A 85 25.39 3.03 -14.76
C ASP A 85 26.70 3.39 -14.01
N GLY A 86 26.68 4.51 -13.30
CA GLY A 86 27.89 4.97 -12.62
C GLY A 86 28.04 4.44 -11.21
N PHE A 87 27.05 3.67 -10.77
CA PHE A 87 27.04 3.16 -9.39
C PHE A 87 28.32 2.38 -9.08
N GLU A 88 28.73 1.53 -10.00
CA GLU A 88 29.98 0.78 -9.81
C GLU A 88 31.02 1.04 -10.91
N GLU A 89 30.65 1.84 -11.91
CA GLU A 89 31.57 2.23 -12.97
C GLU A 89 31.92 3.70 -12.91
N VAL A 90 33.09 4.02 -12.35
CA VAL A 90 33.46 5.43 -12.15
C VAL A 90 33.54 6.19 -13.48
N SER A 91 33.96 5.51 -14.55
CA SER A 91 34.11 6.22 -15.83
C SER A 91 32.77 6.69 -16.40
N LYS A 92 31.68 6.12 -15.92
CA LYS A 92 30.37 6.51 -16.43
C LYS A 92 29.76 7.63 -15.60
N ARG A 93 30.54 8.16 -14.67
CA ARG A 93 30.11 9.32 -13.90
C ARG A 93 30.59 10.62 -14.56
N GLN A 94 29.77 11.65 -14.46
CA GLN A 94 30.13 12.97 -14.98
C GLN A 94 31.16 13.65 -14.07
N LYS A 95 32.03 14.45 -14.65
CA LYS A 95 33.06 15.14 -13.89
C LYS A 95 32.53 16.41 -13.22
N GLU A 100 37.66 15.14 -11.82
CA GLU A 100 36.98 14.88 -10.55
C GLU A 100 35.50 14.54 -10.79
N THR A 101 35.11 13.31 -10.45
CA THR A 101 33.73 12.87 -10.65
C THR A 101 32.83 13.26 -9.49
N VAL A 102 31.52 13.27 -9.72
CA VAL A 102 30.56 13.75 -8.73
C VAL A 102 30.05 12.63 -7.83
N VAL A 103 29.55 13.01 -6.66
CA VAL A 103 28.95 12.06 -5.73
C VAL A 103 27.44 12.18 -5.84
N LEU A 104 26.78 11.21 -6.44
CA LEU A 104 25.35 11.32 -6.67
C LEU A 104 24.55 10.54 -5.66
N LYS A 105 23.35 11.02 -5.35
CA LYS A 105 22.42 10.31 -4.49
C LYS A 105 21.02 10.29 -5.08
N LEU A 106 20.41 9.11 -5.05
CA LEU A 106 19.02 8.91 -5.41
C LEU A 106 18.23 8.72 -4.11
N LYS A 107 17.69 9.82 -3.60
CA LYS A 107 17.12 9.88 -2.26
C LYS A 107 15.64 9.52 -2.19
N ASP A 108 15.27 8.72 -1.18
CA ASP A 108 13.87 8.33 -0.92
C ASP A 108 13.16 7.87 -2.18
N TRP A 109 13.79 7.00 -2.95
N TRP A 109 13.80 6.94 -2.89
CA TRP A 109 13.11 6.57 -4.15
CA TRP A 109 13.38 6.46 -4.21
C TRP A 109 13.26 5.06 -4.29
C TRP A 109 13.33 4.94 -4.25
N PRO A 110 12.13 4.34 -4.15
CA PRO A 110 10.82 4.89 -3.78
C PRO A 110 10.68 5.08 -2.26
N SER A 111 9.67 5.83 -1.84
CA SER A 111 9.45 6.00 -0.42
C SER A 111 7.97 6.00 -0.11
N GLY A 112 7.67 5.76 1.16
CA GLY A 112 6.31 5.74 1.68
C GLY A 112 5.43 4.72 1.00
N GLU A 113 4.22 5.13 0.63
CA GLU A 113 3.25 4.18 0.05
C GLU A 113 3.75 3.61 -1.27
N ASP A 114 4.43 4.43 -2.06
CA ASP A 114 5.01 3.98 -3.33
C ASP A 114 6.03 2.85 -3.12
N PHE A 115 6.81 2.92 -2.04
CA PHE A 115 7.68 1.81 -1.69
C PHE A 115 6.86 0.52 -1.50
N LYS A 116 5.83 0.57 -0.65
CA LYS A 116 5.00 -0.59 -0.36
C LYS A 116 4.32 -1.12 -1.62
N THR A 117 3.82 -0.23 -2.46
CA THR A 117 3.07 -0.71 -3.65
C THR A 117 3.93 -0.98 -4.90
N MET A 118 4.98 -0.20 -5.12
N MET A 118 5.00 -0.22 -5.10
CA MET A 118 5.80 -0.39 -6.32
CA MET A 118 5.80 -0.40 -6.31
C MET A 118 6.87 -1.45 -6.11
C MET A 118 6.95 -1.38 -6.11
N MET A 119 7.28 -1.67 -4.86
CA MET A 119 8.24 -2.75 -4.55
C MET A 119 7.63 -3.70 -3.52
N PRO A 120 6.50 -4.34 -3.87
CA PRO A 120 5.77 -5.12 -2.87
C PRO A 120 6.56 -6.29 -2.32
N ALA A 121 7.37 -6.93 -3.15
CA ALA A 121 8.16 -8.07 -2.71
C ALA A 121 9.28 -7.62 -1.77
N ARG A 122 9.88 -6.47 -2.06
CA ARG A 122 10.93 -5.94 -1.20
C ARG A 122 10.33 -5.45 0.11
N TYR A 123 9.15 -4.85 0.05
CA TYR A 123 8.49 -4.42 1.27
C TYR A 123 8.13 -5.62 2.16
N GLU A 124 7.66 -6.69 1.54
CA GLU A 124 7.33 -7.91 2.26
C GLU A 124 8.59 -8.50 2.92
N ASP A 125 9.68 -8.52 2.19
CA ASP A 125 10.95 -9.01 2.71
C ASP A 125 11.44 -8.13 3.86
N LEU A 126 11.24 -6.83 3.72
CA LEU A 126 11.63 -5.91 4.78
C LEU A 126 10.87 -6.18 6.08
N LEU A 127 9.54 -6.28 6.00
CA LEU A 127 8.72 -6.57 7.17
C LEU A 127 9.19 -7.86 7.87
N LYS A 128 9.42 -8.90 7.07
CA LYS A 128 9.88 -10.20 7.57
C LYS A 128 11.23 -10.10 8.29
N SER A 129 12.04 -9.14 7.87
CA SER A 129 13.43 -9.11 8.27
C SER A 129 13.79 -8.01 9.29
N LEU A 130 12.87 -7.11 9.58
CA LEU A 130 13.13 -6.03 10.53
C LEU A 130 13.59 -6.60 11.86
N PRO A 131 14.71 -6.09 12.40
CA PRO A 131 15.19 -6.59 13.71
C PRO A 131 14.33 -6.00 14.79
N LEU A 132 14.51 -6.48 16.02
CA LEU A 132 13.73 -5.93 17.13
C LEU A 132 12.25 -5.75 16.77
N PRO A 133 11.57 -6.83 16.29
CA PRO A 133 10.24 -6.64 15.72
C PRO A 133 9.18 -6.15 16.68
N GLU A 134 9.37 -6.41 17.97
CA GLU A 134 8.50 -5.83 18.99
C GLU A 134 8.38 -4.30 18.89
N TYR A 135 9.45 -3.67 18.45
CA TYR A 135 9.48 -2.22 18.25
C TYR A 135 9.32 -1.81 16.81
N CYS A 136 10.00 -2.51 15.91
CA CYS A 136 10.24 -2.01 14.55
C CYS A 136 9.23 -2.46 13.50
N ASN A 137 8.59 -3.59 13.74
CA ASN A 137 7.61 -4.15 12.83
C ASN A 137 6.27 -3.48 13.10
N PRO A 138 5.45 -3.24 12.05
CA PRO A 138 4.17 -2.56 12.29
C PRO A 138 3.28 -3.31 13.31
N GLU A 139 3.40 -4.62 13.39
CA GLU A 139 2.60 -5.39 14.34
C GLU A 139 3.29 -5.64 15.68
N GLY A 140 4.45 -5.02 15.91
CA GLY A 140 5.14 -5.16 17.18
C GLY A 140 4.36 -4.55 18.34
N LYS A 141 4.39 -5.18 19.51
CA LYS A 141 3.56 -4.74 20.62
C LYS A 141 3.95 -3.36 21.16
N PHE A 142 5.19 -2.95 20.96
CA PHE A 142 5.62 -1.64 21.43
C PHE A 142 5.57 -0.58 20.32
N ASN A 143 5.12 -0.97 19.13
CA ASN A 143 5.06 0.00 18.05
C ASN A 143 3.70 0.66 17.98
N LEU A 144 3.67 1.96 18.24
CA LEU A 144 2.42 2.69 18.28
C LEU A 144 2.05 3.25 16.91
N ALA A 145 2.95 3.11 15.95
CA ALA A 145 2.83 3.78 14.64
C ALA A 145 1.47 3.59 13.97
N SER A 146 0.97 2.36 13.96
CA SER A 146 -0.27 2.10 13.24
C SER A 146 -1.49 2.19 14.17
N HIS A 147 -1.31 2.72 15.37
CA HIS A 147 -2.43 2.81 16.31
C HIS A 147 -2.83 4.26 16.58
N LEU A 148 -1.84 5.15 16.57
CA LEU A 148 -2.02 6.56 16.90
C LEU A 148 -2.90 7.26 15.87
N PRO A 149 -3.71 8.23 16.32
CA PRO A 149 -4.47 9.03 15.35
C PRO A 149 -3.49 9.75 14.43
N GLY A 150 -3.96 10.17 13.24
CA GLY A 150 -3.09 10.69 12.22
C GLY A 150 -2.18 11.85 12.58
N PHE A 151 -2.71 12.81 13.32
CA PHE A 151 -1.96 14.04 13.60
C PHE A 151 -0.78 13.82 14.55
N PHE A 152 -0.71 12.67 15.22
CA PHE A 152 0.49 12.39 16.04
C PHE A 152 1.67 11.96 15.19
N VAL A 153 1.39 11.34 14.06
CA VAL A 153 2.43 10.79 13.20
C VAL A 153 2.72 11.72 12.01
N ARG A 154 3.99 11.79 11.61
CA ARG A 154 4.38 12.52 10.39
C ARG A 154 3.62 11.96 9.19
N PRO A 155 3.30 12.82 8.20
CA PRO A 155 2.57 12.40 7.00
C PRO A 155 3.37 11.47 6.08
N ASP A 156 4.69 11.49 6.19
CA ASP A 156 5.55 10.69 5.34
C ASP A 156 6.12 9.47 6.09
N LEU A 157 5.42 9.00 7.12
CA LEU A 157 5.81 7.78 7.82
C LEU A 157 5.77 6.58 6.88
N GLY A 158 6.95 6.09 6.50
CA GLY A 158 7.05 5.00 5.55
C GLY A 158 8.44 4.45 5.40
N PRO A 159 8.57 3.31 4.70
CA PRO A 159 9.94 2.92 4.35
C PRO A 159 10.51 3.82 3.24
N ARG A 160 11.84 3.88 3.19
CA ARG A 160 12.55 4.74 2.24
C ARG A 160 13.70 3.97 1.64
N LEU A 161 13.89 4.06 0.34
CA LEU A 161 15.11 3.55 -0.24
C LEU A 161 16.08 4.69 -0.56
N CSD A 162 17.33 4.53 -0.16
N CSD A 162 17.34 4.54 -0.15
CA CSD A 162 18.36 5.52 -0.42
CA CSD A 162 18.36 5.53 -0.43
CB CSD A 162 18.72 6.25 0.87
CB CSD A 162 18.79 6.27 0.85
SG CSD A 162 19.37 7.86 0.55
SG CSD A 162 17.82 7.72 1.11
C CSD A 162 19.61 4.89 -1.01
C CSD A 162 19.61 4.89 -1.01
O CSD A 162 20.29 4.04 -0.43
O CSD A 162 20.29 4.03 -0.43
OD1 CSD A 162 20.11 8.09 2.07
OD1 CSD A 162 16.58 6.95 1.98
OD2 CSD A 162 20.61 7.60 -0.18
OD2 CSD A 162 18.44 8.34 2.28
N SER A 163 19.93 5.31 -2.23
CA SER A 163 21.10 4.80 -2.91
C SER A 163 22.07 5.90 -3.22
N ALA A 164 23.34 5.70 -2.95
CA ALA A 164 24.27 6.77 -3.30
C ALA A 164 25.68 6.27 -3.55
N TYR A 165 26.42 6.98 -4.38
CA TYR A 165 27.84 6.67 -4.56
C TYR A 165 28.62 6.86 -3.25
N GLY A 166 29.83 6.30 -3.19
CA GLY A 166 30.76 6.63 -2.10
C GLY A 166 31.55 7.89 -2.46
N VAL A 167 32.19 8.50 -1.47
CA VAL A 167 32.93 9.73 -1.72
C VAL A 167 34.37 9.52 -2.14
N VAL A 168 34.79 8.26 -2.17
CA VAL A 168 36.20 7.92 -2.33
C VAL A 168 36.77 8.34 -3.70
N ALA A 169 36.00 8.15 -4.77
CA ALA A 169 36.48 8.57 -6.09
C ALA A 169 36.72 10.08 -6.20
N ALA A 170 35.88 10.87 -5.56
CA ALA A 170 36.05 12.32 -5.61
C ALA A 170 37.19 12.78 -4.69
N LYS A 171 37.68 11.86 -3.85
CA LYS A 171 38.72 12.13 -2.86
C LYS A 171 38.36 13.36 -2.03
N ASP A 172 37.08 13.47 -1.70
CA ASP A 172 36.60 14.61 -0.93
C ASP A 172 35.84 14.12 0.28
N HIS A 173 36.54 13.98 1.40
CA HIS A 173 35.89 13.46 2.59
C HIS A 173 35.27 14.57 3.42
N ASP A 174 35.12 15.74 2.82
CA ASP A 174 34.25 16.80 3.33
C ASP A 174 32.80 16.60 2.85
N ILE A 175 32.59 15.63 1.96
CA ILE A 175 31.25 15.38 1.41
C ILE A 175 30.42 14.40 2.25
N GLY A 176 29.20 14.79 2.62
CA GLY A 176 28.30 13.85 3.25
C GLY A 176 27.32 13.28 2.26
N THR A 177 27.09 11.98 2.29
CA THR A 177 26.04 11.44 1.44
C THR A 177 24.72 11.64 2.15
N THR A 178 24.79 11.80 3.47
CA THR A 178 23.65 12.28 4.25
C THR A 178 24.18 13.37 5.19
N ASN A 179 23.71 14.59 5.01
CA ASN A 179 24.18 15.68 5.88
C ASN A 179 23.63 15.55 7.29
N LEU A 180 24.25 16.25 8.22
CA LEU A 180 23.76 16.26 9.59
C LEU A 180 22.31 16.70 9.69
N HIS A 181 21.50 15.89 10.35
CA HIS A 181 20.09 16.16 10.50
C HIS A 181 19.56 15.50 11.75
N ILE A 182 18.37 15.90 12.17
CA ILE A 182 17.74 15.33 13.34
C ILE A 182 16.68 14.35 12.89
N GLU A 183 16.45 13.33 13.70
CA GLU A 183 15.41 12.33 13.42
C GLU A 183 14.09 12.75 14.05
N VAL A 184 13.08 12.93 13.21
CA VAL A 184 11.78 13.36 13.70
C VAL A 184 11.02 12.19 14.35
N SER A 185 11.26 10.96 13.88
CA SER A 185 10.68 9.79 14.53
C SER A 185 11.74 8.72 14.74
N ASP A 186 11.39 7.68 15.52
CA ASP A 186 12.27 6.52 15.67
C ASP A 186 12.53 5.93 14.29
N VAL A 187 13.73 5.44 14.06
CA VAL A 187 14.02 4.94 12.72
C VAL A 187 15.03 3.79 12.72
N VAL A 188 14.84 2.81 11.84
CA VAL A 188 15.86 1.78 11.66
C VAL A 188 16.44 1.86 10.23
N ASN A 189 17.78 1.91 10.16
CA ASN A 189 18.50 2.06 8.89
C ASN A 189 19.26 0.81 8.58
N ILE A 190 18.93 0.16 7.48
CA ILE A 190 19.59 -1.12 7.16
C ILE A 190 20.41 -1.03 5.89
N LEU A 191 21.69 -1.39 5.97
CA LEU A 191 22.56 -1.40 4.80
C LEU A 191 22.35 -2.70 4.05
N VAL A 192 21.69 -2.64 2.89
CA VAL A 192 21.29 -3.88 2.20
C VAL A 192 22.13 -4.26 1.00
N TYR A 193 22.99 -3.36 0.54
CA TYR A 193 23.90 -3.62 -0.58
C TYR A 193 25.10 -2.73 -0.52
N VAL A 194 26.28 -3.32 -0.71
CA VAL A 194 27.50 -2.53 -0.85
C VAL A 194 28.14 -2.79 -2.23
N GLY A 195 28.33 -1.72 -2.99
CA GLY A 195 28.91 -1.82 -4.32
C GLY A 195 30.33 -1.29 -4.42
N ILE A 196 31.24 -2.15 -4.87
CA ILE A 196 32.64 -1.75 -5.10
C ILE A 196 32.79 -1.07 -6.45
N ALA A 197 33.15 0.22 -6.44
CA ALA A 197 33.26 0.96 -7.69
C ALA A 197 34.63 0.77 -8.33
N LYS A 198 34.68 0.83 -9.66
CA LYS A 198 35.92 0.59 -10.39
C LYS A 198 36.15 1.63 -11.47
N GLY A 199 37.43 1.94 -11.67
CA GLY A 199 37.88 2.82 -12.74
C GLY A 199 38.38 4.20 -12.33
N ASN A 200 39.05 4.85 -13.29
CA ASN A 200 39.57 6.20 -13.15
C ASN A 200 40.48 6.40 -11.94
N GLY A 201 41.18 5.35 -11.55
CA GLY A 201 42.14 5.47 -10.47
C GLY A 201 41.56 5.46 -9.06
N ILE A 202 40.30 5.07 -8.92
CA ILE A 202 39.68 4.97 -7.60
C ILE A 202 40.45 3.99 -6.72
N LEU A 203 40.52 4.28 -5.42
CA LEU A 203 41.07 3.34 -4.45
C LEU A 203 40.35 2.01 -4.57
N SER A 204 41.10 0.92 -4.39
CA SER A 204 40.51 -0.41 -4.47
C SER A 204 39.80 -0.77 -3.17
N LYS A 205 39.09 -1.90 -3.17
CA LYS A 205 38.47 -2.42 -1.96
C LYS A 205 39.45 -2.37 -0.78
N ALA A 206 40.67 -2.85 -1.00
CA ALA A 206 41.71 -2.91 0.03
C ALA A 206 42.21 -1.52 0.44
N GLY A 207 42.35 -0.62 -0.52
CA GLY A 207 42.79 0.73 -0.21
C GLY A 207 41.73 1.44 0.59
N ILE A 208 40.48 1.06 0.34
CA ILE A 208 39.33 1.65 1.01
C ILE A 208 39.21 1.10 2.44
N LEU A 209 39.53 -0.17 2.62
CA LEU A 209 39.60 -0.75 3.96
C LEU A 209 40.63 0.01 4.81
N LYS A 210 41.75 0.38 4.20
CA LYS A 210 42.77 1.12 4.93
C LYS A 210 42.30 2.53 5.24
N LYS A 211 41.45 3.08 4.37
CA LYS A 211 40.86 4.39 4.62
C LYS A 211 39.97 4.33 5.85
N PHE A 212 39.14 3.28 5.94
CA PHE A 212 38.32 3.05 7.14
C PHE A 212 39.19 2.92 8.39
N GLU A 213 40.31 2.24 8.24
CA GLU A 213 41.22 1.98 9.38
C GLU A 213 41.93 3.25 9.86
N GLU A 214 42.03 4.25 8.99
CA GLU A 214 42.66 5.49 9.39
C GLU A 214 41.72 6.38 10.20
N GLU A 215 40.46 5.96 10.33
CA GLU A 215 39.52 6.72 11.12
C GLU A 215 39.78 6.48 12.60
N ASP A 216 39.34 7.41 13.43
CA ASP A 216 39.37 7.26 14.88
C ASP A 216 38.27 6.28 15.30
N LEU A 217 38.65 5.05 15.59
CA LEU A 217 37.67 4.03 15.89
C LEU A 217 37.79 3.45 17.28
N ASP A 218 36.63 3.12 17.84
CA ASP A 218 36.52 2.27 19.02
C ASP A 218 37.26 0.95 18.76
N ASP A 219 37.89 0.38 19.78
CA ASP A 219 38.62 -0.88 19.58
C ASP A 219 37.71 -2.02 19.08
N ILE A 220 36.49 -2.10 19.59
CA ILE A 220 35.53 -3.11 19.14
C ILE A 220 35.29 -3.00 17.62
N LEU A 221 35.23 -1.77 17.09
CA LEU A 221 35.06 -1.58 15.65
C LEU A 221 36.29 -2.01 14.83
N ARG A 222 37.49 -1.67 15.31
CA ARG A 222 38.72 -2.07 14.62
C ARG A 222 38.79 -3.59 14.44
N LYS A 223 38.32 -4.32 15.45
CA LYS A 223 38.28 -5.79 15.37
C LYS A 223 37.39 -6.30 14.23
N ARG A 224 36.17 -5.77 14.14
CA ARG A 224 35.26 -6.12 13.05
C ARG A 224 35.90 -5.89 11.70
N LEU A 225 36.64 -4.78 11.60
CA LEU A 225 37.26 -4.40 10.35
C LEU A 225 38.32 -5.41 9.86
N LYS A 226 38.96 -6.11 10.79
CA LYS A 226 39.97 -7.10 10.40
C LYS A 226 39.31 -8.37 9.85
N ASP A 227 38.03 -8.55 10.18
CA ASP A 227 37.21 -9.66 9.74
C ASP A 227 36.88 -9.58 8.24
N SER A 228 37.47 -10.47 7.44
CA SER A 228 37.27 -10.44 5.99
C SER A 228 35.86 -10.85 5.54
N SER A 229 35.06 -11.41 6.45
CA SER A 229 33.68 -11.79 6.11
C SER A 229 32.70 -10.61 6.25
N GLU A 230 33.17 -9.53 6.86
CA GLU A 230 32.38 -8.30 6.97
C GLU A 230 32.75 -7.30 5.88
N ILE A 231 31.78 -6.70 5.19
N ILE A 231 31.73 -6.67 5.30
CA ILE A 231 32.16 -5.65 4.27
CA ILE A 231 31.93 -5.68 4.26
C ILE A 231 31.62 -4.31 4.74
C ILE A 231 31.54 -4.26 4.73
N PRO A 232 32.52 -3.40 5.08
CA PRO A 232 32.20 -2.05 5.55
C PRO A 232 31.73 -1.19 4.38
N GLY A 233 30.68 -0.40 4.59
CA GLY A 233 30.07 0.36 3.53
C GLY A 233 30.15 1.86 3.74
N ALA A 234 29.78 2.30 4.95
CA ALA A 234 29.55 3.72 5.21
C ALA A 234 30.01 4.12 6.59
N LEU A 235 30.48 5.36 6.67
CA LEU A 235 30.93 5.95 7.92
C LEU A 235 29.85 6.83 8.49
N TRP A 236 29.45 6.53 9.72
CA TRP A 236 28.39 7.27 10.39
C TRP A 236 28.92 8.11 11.55
N HIS A 237 28.38 9.30 11.74
CA HIS A 237 28.59 10.01 13.01
C HIS A 237 27.25 10.32 13.63
N ILE A 238 27.12 9.99 14.92
CA ILE A 238 25.86 10.02 15.58
C ILE A 238 26.00 10.86 16.84
N TYR A 239 24.99 11.69 17.09
CA TYR A 239 25.01 12.58 18.24
C TYR A 239 23.81 12.37 19.13
N ALA A 240 24.04 12.49 20.44
CA ALA A 240 22.95 12.44 21.41
C ALA A 240 21.99 13.62 21.22
N GLY A 241 20.69 13.34 21.27
CA GLY A 241 19.70 14.38 21.11
C GLY A 241 19.82 15.51 22.12
N LYS A 242 20.43 15.25 23.26
CA LYS A 242 20.60 16.32 24.26
C LYS A 242 21.53 17.41 23.75
N ASP A 243 22.39 17.07 22.78
CA ASP A 243 23.41 17.98 22.29
C ASP A 243 22.94 18.87 21.11
N VAL A 244 21.66 18.82 20.77
CA VAL A 244 21.17 19.48 19.56
C VAL A 244 21.38 21.01 19.60
N ASP A 245 21.15 21.62 20.75
CA ASP A 245 21.29 23.07 20.83
C ASP A 245 22.75 23.52 20.71
N LYS A 246 23.66 22.77 21.31
CA LYS A 246 25.08 23.08 21.22
C LYS A 246 25.61 22.90 19.79
N ILE A 247 25.17 21.83 19.13
CA ILE A 247 25.60 21.60 17.76
C ILE A 247 25.12 22.72 16.86
N ARG A 248 23.86 23.10 17.03
CA ARG A 248 23.31 24.19 16.22
C ARG A 248 24.10 25.48 16.43
N GLU A 249 24.46 25.78 17.68
N GLU A 249 24.47 25.77 17.68
CA GLU A 249 25.22 27.00 17.94
CA GLU A 249 25.23 26.99 17.97
C GLU A 249 26.61 26.91 17.32
C GLU A 249 26.61 26.91 17.33
N PHE A 250 27.22 25.73 17.42
CA PHE A 250 28.53 25.50 16.83
C PHE A 250 28.52 25.75 15.33
N LEU A 251 27.49 25.24 14.66
CA LEU A 251 27.41 25.39 13.21
C LEU A 251 27.14 26.84 12.82
N GLN A 252 26.31 27.52 13.61
CA GLN A 252 26.08 28.94 13.36
C GLN A 252 27.36 29.72 13.57
N LYS A 253 28.14 29.35 14.57
CA LYS A 253 29.42 30.01 14.78
C LYS A 253 30.38 29.76 13.59
N ILE A 254 30.47 28.53 13.12
CA ILE A 254 31.35 28.23 11.97
C ILE A 254 30.90 29.03 10.74
N SER A 255 29.59 29.11 10.58
CA SER A 255 29.00 29.82 9.46
C SER A 255 29.45 31.29 9.48
N LYS A 256 29.34 31.93 10.64
CA LYS A 256 29.75 33.32 10.78
C LYS A 256 31.26 33.47 10.50
N GLU A 257 32.05 32.52 10.99
CA GLU A 257 33.50 32.56 10.81
C GLU A 257 33.93 32.56 9.34
N GLN A 258 33.33 31.69 8.55
CA GLN A 258 33.68 31.56 7.14
C GLN A 258 33.06 32.68 6.30
N GLY A 259 32.45 33.64 6.99
CA GLY A 259 31.83 34.77 6.33
C GLY A 259 30.54 34.37 5.65
N LEU A 260 30.16 33.10 5.82
CA LEU A 260 28.91 32.60 5.26
C LEU A 260 27.74 33.39 5.80
N GLU A 261 27.22 34.23 4.93
CA GLU A 261 26.05 35.02 5.26
C GLU A 261 24.86 34.15 5.57
N VAL A 262 24.07 34.58 6.55
CA VAL A 262 22.88 33.87 6.97
C VAL A 262 21.74 34.84 7.25
N LEU A 263 20.53 34.30 7.26
CA LEU A 263 19.36 35.01 7.74
C LEU A 263 19.46 35.04 9.27
N PRO A 264 18.73 35.98 9.91
CA PRO A 264 18.78 35.99 11.38
C PRO A 264 18.30 34.66 11.99
N GLU A 265 17.11 34.20 11.62
CA GLU A 265 16.56 32.96 12.18
C GLU A 265 17.11 31.72 11.48
N HIS A 266 18.44 31.64 11.36
CA HIS A 266 19.10 30.60 10.56
C HIS A 266 19.37 29.31 11.37
N ASP A 267 18.73 28.21 10.98
CA ASP A 267 18.89 26.92 11.68
C ASP A 267 19.53 25.83 10.83
N PRO A 268 20.87 25.68 10.94
CA PRO A 268 21.66 24.76 10.12
C PRO A 268 21.28 23.29 10.33
N ILE A 269 20.70 22.94 11.47
CA ILE A 269 20.23 21.56 11.64
C ILE A 269 18.99 21.29 10.80
N ARG A 270 18.02 22.22 10.83
CA ARG A 270 16.81 22.11 10.05
C ARG A 270 17.14 22.15 8.55
N ASP A 271 18.07 23.03 8.17
CA ASP A 271 18.50 23.16 6.76
C ASP A 271 19.18 21.90 6.21
N GLN A 272 19.73 21.06 7.09
CA GLN A 272 20.47 19.88 6.69
C GLN A 272 21.56 20.24 5.69
N SER A 273 22.30 21.31 5.98
CA SER A 273 23.24 21.85 5.01
C SER A 273 24.68 21.54 5.34
N TRP A 274 24.92 20.88 6.48
CA TRP A 274 26.28 20.64 6.92
C TRP A 274 26.69 19.19 6.96
N TYR A 275 27.89 18.91 6.47
CA TYR A 275 28.55 17.69 6.84
C TYR A 275 29.69 18.08 7.77
N VAL A 276 29.66 17.57 8.99
CA VAL A 276 30.66 17.97 9.95
C VAL A 276 31.90 17.11 9.79
N ASN A 277 32.88 17.67 9.08
CA ASN A 277 34.09 16.94 8.75
C ASN A 277 34.99 16.74 9.97
N LYS A 278 36.12 16.08 9.77
CA LYS A 278 36.97 15.71 10.91
C LYS A 278 37.42 16.91 11.74
N LYS A 279 37.95 17.93 11.08
CA LYS A 279 38.44 19.10 11.80
C LYS A 279 37.32 19.76 12.57
N LEU A 280 36.15 19.87 11.95
CA LEU A 280 35.00 20.44 12.65
C LEU A 280 34.51 19.59 13.82
N ARG A 281 34.49 18.26 13.69
CA ARG A 281 34.06 17.44 14.84
C ARG A 281 35.01 17.64 16.02
N GLN A 282 36.30 17.79 15.72
CA GLN A 282 37.29 18.04 16.78
C GLN A 282 37.00 19.38 17.47
N ARG A 283 36.72 20.41 16.69
CA ARG A 283 36.38 21.71 17.27
C ARG A 283 35.08 21.67 18.07
N LEU A 284 34.11 20.88 17.60
CA LEU A 284 32.84 20.73 18.31
C LEU A 284 33.04 20.14 19.71
N LEU A 285 33.90 19.12 19.81
CA LEU A 285 34.28 18.52 21.09
C LEU A 285 35.02 19.52 21.96
N GLU A 286 36.04 20.18 21.40
CA GLU A 286 36.85 21.11 22.18
C GLU A 286 36.06 22.32 22.68
N GLU A 287 35.23 22.89 21.82
CA GLU A 287 34.57 24.16 22.11
C GLU A 287 33.22 24.04 22.80
N TYR A 288 32.57 22.88 22.68
CA TYR A 288 31.22 22.71 23.27
C TYR A 288 31.08 21.44 24.13
N GLY A 289 32.14 20.63 24.18
CA GLY A 289 32.13 19.37 24.95
C GLY A 289 31.26 18.29 24.30
N VAL A 290 30.87 18.50 23.03
CA VAL A 290 29.96 17.55 22.39
C VAL A 290 30.76 16.42 21.73
N ARG A 291 30.50 15.20 22.18
CA ARG A 291 31.22 14.05 21.70
C ARG A 291 30.52 13.42 20.48
N THR A 292 31.35 12.93 19.58
CA THR A 292 30.90 12.25 18.38
C THR A 292 30.98 10.76 18.62
N CYS A 293 29.90 10.06 18.29
N CYS A 293 29.91 10.05 18.31
CA CYS A 293 29.89 8.61 18.23
CA CYS A 293 29.99 8.61 18.26
C CYS A 293 30.19 8.17 16.80
C CYS A 293 30.24 8.23 16.81
N THR A 294 31.31 7.49 16.58
CA THR A 294 31.64 7.03 15.23
C THR A 294 31.28 5.57 15.03
N LEU A 295 30.56 5.29 13.95
CA LEU A 295 30.17 3.92 13.63
C LEU A 295 30.55 3.62 12.18
N ILE A 296 31.03 2.41 11.94
CA ILE A 296 31.11 1.94 10.55
C ILE A 296 29.97 0.97 10.36
N GLN A 297 29.16 1.22 9.34
CA GLN A 297 28.01 0.37 9.06
C GLN A 297 28.45 -0.69 8.03
N PHE A 298 28.35 -1.96 8.40
CA PHE A 298 28.71 -3.06 7.51
C PHE A 298 27.45 -3.56 6.83
N LEU A 299 27.61 -4.24 5.69
CA LEU A 299 26.47 -4.87 5.05
C LEU A 299 25.63 -5.66 6.06
N GLY A 300 24.32 -5.42 6.07
CA GLY A 300 23.43 -6.12 6.97
C GLY A 300 23.29 -5.51 8.36
N ASP A 301 24.04 -4.44 8.62
CA ASP A 301 23.90 -3.72 9.92
C ASP A 301 22.64 -2.85 9.94
N ALA A 302 21.80 -3.05 10.94
CA ALA A 302 20.61 -2.22 11.15
C ALA A 302 20.87 -1.23 12.27
N ILE A 303 20.91 0.05 11.95
CA ILE A 303 21.15 1.09 12.96
C ILE A 303 19.79 1.66 13.39
N VAL A 304 19.54 1.61 14.69
CA VAL A 304 18.26 1.99 15.22
C VAL A 304 18.41 3.25 16.04
N LEU A 305 17.80 4.33 15.57
CA LEU A 305 17.95 5.65 16.21
C LEU A 305 16.65 6.18 16.80
N PRO A 306 16.71 6.77 18.01
CA PRO A 306 15.50 7.35 18.59
C PRO A 306 15.21 8.73 18.02
N ALA A 307 13.93 9.09 18.00
CA ALA A 307 13.49 10.45 17.72
C ALA A 307 14.38 11.43 18.47
N GLY A 308 14.89 12.44 17.78
CA GLY A 308 15.70 13.44 18.44
C GLY A 308 17.19 13.23 18.30
N ALA A 309 17.61 12.00 18.02
CA ALA A 309 19.02 11.76 17.68
C ALA A 309 19.39 12.50 16.39
N LEU A 310 20.66 12.90 16.29
CA LEU A 310 21.19 13.49 15.06
C LEU A 310 22.24 12.56 14.43
N HIS A 311 22.30 12.53 13.10
CA HIS A 311 23.40 11.81 12.48
C HIS A 311 23.69 12.34 11.09
N GLN A 312 24.85 11.93 10.59
CA GLN A 312 25.27 12.14 9.21
C GLN A 312 25.93 10.86 8.73
N VAL A 313 26.02 10.72 7.42
CA VAL A 313 26.60 9.51 6.84
C VAL A 313 27.54 9.88 5.71
N GLN A 314 28.61 9.11 5.57
CA GLN A 314 29.52 9.25 4.45
C GLN A 314 29.82 7.88 3.85
N ASN A 315 29.14 7.55 2.75
CA ASN A 315 29.44 6.30 2.05
C ASN A 315 30.89 6.30 1.59
N PHE A 316 31.59 5.19 1.79
CA PHE A 316 32.90 5.03 1.18
C PHE A 316 32.69 4.24 -0.12
N HIS A 317 32.04 3.09 0.00
CA HIS A 317 31.59 2.35 -1.18
C HIS A 317 30.23 2.86 -1.64
N SER A 318 29.79 2.46 -2.84
CA SER A 318 28.40 2.69 -3.17
C SER A 318 27.50 1.86 -2.25
N CYS A 319 26.45 2.50 -1.74
CA CYS A 319 25.58 1.88 -0.76
C CYS A 319 24.11 2.08 -1.07
N ILE A 320 23.34 1.04 -0.77
CA ILE A 320 21.89 1.10 -0.76
C ILE A 320 21.39 0.86 0.64
N GLN A 321 20.63 1.81 1.16
CA GLN A 321 20.04 1.71 2.49
C GLN A 321 18.54 1.70 2.43
N VAL A 322 17.94 0.94 3.32
CA VAL A 322 16.52 0.97 3.45
C VAL A 322 16.23 1.41 4.85
N THR A 323 15.27 2.32 4.97
N THR A 323 15.36 2.40 5.01
CA THR A 323 14.94 2.96 6.21
CA THR A 323 15.00 2.81 6.35
C THR A 323 13.46 2.78 6.59
C THR A 323 13.52 2.58 6.58
N GLU A 324 13.17 2.41 7.83
CA GLU A 324 11.78 2.21 8.23
C GLU A 324 11.50 3.03 9.48
N ASP A 325 10.40 3.78 9.46
CA ASP A 325 9.97 4.56 10.61
C ASP A 325 9.12 3.71 11.59
N PHE A 326 9.29 3.94 12.89
CA PHE A 326 8.38 3.36 13.86
C PHE A 326 8.18 4.37 15.01
N VAL A 327 7.21 4.09 15.90
CA VAL A 327 6.93 5.01 17.00
C VAL A 327 6.82 4.27 18.34
N SER A 328 7.93 4.25 19.07
CA SER A 328 7.96 3.65 20.40
C SER A 328 7.36 4.61 21.43
N PRO A 329 6.89 4.08 22.57
CA PRO A 329 6.40 4.95 23.65
C PRO A 329 7.51 5.84 24.20
N GLU A 330 8.70 5.25 24.30
CA GLU A 330 9.84 5.91 24.94
C GLU A 330 10.11 7.29 24.38
N HIS A 331 9.95 7.51 23.08
CA HIS A 331 10.30 8.82 22.55
C HIS A 331 9.15 9.52 21.84
N LEU A 332 7.94 9.09 22.16
CA LEU A 332 6.72 9.66 21.58
C LEU A 332 6.59 11.18 21.78
N VAL A 333 6.89 11.64 23.00
CA VAL A 333 6.74 13.06 23.30
C VAL A 333 7.69 13.89 22.47
N GLU A 334 8.95 13.48 22.46
CA GLU A 334 9.96 14.13 21.66
C GLU A 334 9.60 14.08 20.19
N SER A 335 9.11 12.93 19.75
CA SER A 335 8.74 12.73 18.36
C SER A 335 7.57 13.63 17.98
N PHE A 336 6.56 13.69 18.84
CA PHE A 336 5.40 14.53 18.56
C PHE A 336 5.82 16.00 18.38
N HIS A 337 6.65 16.48 19.29
CA HIS A 337 7.09 17.87 19.27
C HIS A 337 7.92 18.20 18.04
N LEU A 338 8.86 17.32 17.68
CA LEU A 338 9.67 17.53 16.50
C LEU A 338 8.80 17.47 15.25
N THR A 339 7.81 16.57 15.28
CA THR A 339 6.87 16.42 14.18
C THR A 339 6.07 17.70 13.98
N GLN A 340 5.58 18.28 15.07
CA GLN A 340 4.81 19.51 14.98
C GLN A 340 5.68 20.66 14.49
N GLU A 341 6.92 20.72 14.98
CA GLU A 341 7.83 21.78 14.56
C GLU A 341 8.09 21.68 13.06
N LEU A 342 7.86 20.50 12.50
CA LEU A 342 7.89 20.33 11.06
C LEU A 342 6.54 20.76 10.47
N ARG A 343 6.42 22.04 10.14
CA ARG A 343 5.17 22.59 9.63
C ARG A 343 5.41 23.57 8.49
N MET B 1 -24.38 -31.12 8.93
CA MET B 1 -24.77 -29.73 9.04
C MET B 1 -24.28 -28.90 7.84
N ILE B 2 -24.87 -27.72 7.68
CA ILE B 2 -24.47 -26.82 6.60
C ILE B 2 -23.88 -25.58 7.25
N PRO B 3 -22.56 -25.41 7.14
CA PRO B 3 -21.86 -24.28 7.78
C PRO B 3 -22.40 -22.94 7.28
N HIS B 4 -22.83 -22.08 8.19
CA HIS B 4 -23.46 -20.82 7.80
C HIS B 4 -23.46 -19.83 8.93
N SER B 5 -23.67 -18.56 8.60
CA SER B 5 -24.01 -17.54 9.58
C SER B 5 -24.98 -16.57 8.96
N TRP B 6 -25.52 -15.69 9.78
CA TRP B 6 -26.35 -14.62 9.29
C TRP B 6 -25.63 -13.30 9.42
N ILE B 7 -25.78 -12.45 8.43
CA ILE B 7 -25.20 -11.10 8.48
C ILE B 7 -26.34 -10.08 8.44
N CYS B 8 -26.09 -8.87 8.92
CA CYS B 8 -27.04 -7.76 8.79
C CYS B 8 -28.37 -8.03 9.44
N GLU B 9 -28.35 -8.37 10.73
CA GLU B 9 -29.57 -8.54 11.49
C GLU B 9 -30.48 -9.58 10.85
N LYS B 10 -29.88 -10.69 10.41
CA LYS B 10 -30.62 -11.82 9.85
C LYS B 10 -31.18 -11.54 8.45
N HIS B 11 -30.65 -10.55 7.74
CA HIS B 11 -31.16 -10.27 6.41
C HIS B 11 -30.42 -11.10 5.37
N ILE B 12 -29.15 -11.40 5.61
CA ILE B 12 -28.34 -12.10 4.61
C ILE B 12 -27.73 -13.42 5.10
N LEU B 13 -27.99 -14.49 4.37
CA LEU B 13 -27.45 -15.80 4.69
C LEU B 13 -26.02 -15.97 4.16
N TRP B 14 -25.07 -16.22 5.06
CA TRP B 14 -23.72 -16.51 4.60
C TRP B 14 -23.46 -18.02 4.62
N LEU B 15 -23.34 -18.61 3.44
CA LEU B 15 -22.99 -20.03 3.34
C LEU B 15 -21.47 -20.13 3.26
N LYS B 16 -20.86 -20.80 4.24
CA LYS B 16 -19.43 -20.70 4.44
C LYS B 16 -18.59 -21.69 3.64
N ASP B 17 -19.23 -22.74 3.13
CA ASP B 17 -18.52 -23.81 2.44
C ASP B 17 -19.05 -24.03 1.03
N TYR B 18 -18.28 -23.57 0.06
CA TYR B 18 -18.67 -23.69 -1.35
C TYR B 18 -18.77 -25.15 -1.75
N LYS B 19 -18.09 -26.03 -1.01
CA LYS B 19 -18.08 -27.47 -1.30
C LYS B 19 -19.26 -28.26 -0.75
N ASN B 20 -20.04 -27.67 0.16
CA ASN B 20 -21.16 -28.38 0.74
C ASN B 20 -22.32 -28.52 -0.24
N SER B 21 -22.62 -29.75 -0.63
CA SER B 21 -23.60 -30.02 -1.68
C SER B 21 -25.05 -29.81 -1.23
N SER B 22 -25.23 -29.56 0.07
CA SER B 22 -26.57 -29.32 0.59
C SER B 22 -26.86 -27.83 0.81
N ASN B 23 -25.96 -26.96 0.37
CA ASN B 23 -26.19 -25.53 0.52
C ASN B 23 -27.60 -25.10 0.10
N TRP B 24 -28.07 -25.63 -1.02
CA TRP B 24 -29.36 -25.20 -1.56
C TRP B 24 -30.51 -25.43 -0.58
N LYS B 25 -30.39 -26.42 0.30
CA LYS B 25 -31.45 -26.73 1.26
C LYS B 25 -31.66 -25.63 2.29
N LEU B 26 -30.58 -24.97 2.70
CA LEU B 26 -30.71 -23.88 3.65
C LEU B 26 -31.04 -22.61 2.90
N PHE B 27 -30.41 -22.45 1.74
CA PHE B 27 -30.67 -21.33 0.86
C PHE B 27 -32.16 -21.19 0.52
N LYS B 28 -32.81 -22.32 0.23
CA LYS B 28 -34.22 -22.31 -0.18
C LYS B 28 -35.13 -21.64 0.86
N GLU B 29 -34.84 -21.89 2.13
CA GLU B 29 -35.66 -21.37 3.22
C GLU B 29 -35.52 -19.87 3.43
N CYS B 30 -34.38 -19.33 3.03
CA CYS B 30 -34.10 -17.91 3.22
C CYS B 30 -34.46 -17.14 1.96
N TRP B 31 -34.23 -17.77 0.82
CA TRP B 31 -34.62 -17.22 -0.46
C TRP B 31 -36.12 -16.91 -0.54
N LYS B 32 -36.93 -17.79 0.03
CA LYS B 32 -38.39 -17.66 -0.08
C LYS B 32 -38.90 -16.44 0.70
N GLN B 33 -38.08 -15.93 1.61
CA GLN B 33 -38.43 -14.69 2.29
C GLN B 33 -37.78 -13.49 1.62
N GLY B 34 -37.14 -13.73 0.48
CA GLY B 34 -36.51 -12.65 -0.25
C GLY B 34 -35.19 -12.20 0.37
N GLN B 35 -34.57 -13.09 1.14
CA GLN B 35 -33.25 -12.83 1.72
C GLN B 35 -32.15 -13.20 0.74
N PRO B 36 -31.21 -12.26 0.51
CA PRO B 36 -30.01 -12.57 -0.28
C PRO B 36 -29.08 -13.55 0.45
N ALA B 37 -28.12 -14.09 -0.29
CA ALA B 37 -27.12 -14.97 0.30
C ALA B 37 -25.76 -14.70 -0.30
N VAL B 38 -24.73 -15.07 0.45
CA VAL B 38 -23.37 -15.05 -0.03
C VAL B 38 -22.74 -16.42 0.16
N VAL B 39 -22.12 -16.90 -0.89
CA VAL B 39 -21.37 -18.15 -0.80
C VAL B 39 -19.90 -17.80 -0.99
N SER B 40 -19.07 -18.09 0.00
CA SER B 40 -17.67 -17.74 -0.11
C SER B 40 -16.86 -18.91 -0.66
N GLY B 41 -15.71 -18.61 -1.24
CA GLY B 41 -14.79 -19.62 -1.70
C GLY B 41 -14.96 -20.13 -3.12
N VAL B 42 -15.78 -19.47 -3.93
CA VAL B 42 -16.01 -19.93 -5.29
C VAL B 42 -14.72 -19.81 -6.14
N HIS B 43 -13.82 -18.92 -5.75
CA HIS B 43 -12.55 -18.80 -6.47
C HIS B 43 -11.71 -20.07 -6.36
N LYS B 44 -11.95 -20.88 -5.34
CA LYS B 44 -11.25 -22.15 -5.20
C LYS B 44 -11.75 -23.20 -6.19
N LYS B 45 -13.02 -23.07 -6.60
CA LYS B 45 -13.58 -23.99 -7.58
C LYS B 45 -13.12 -23.59 -8.98
N MET B 46 -12.92 -22.30 -9.19
CA MET B 46 -12.59 -21.77 -10.50
C MET B 46 -11.15 -21.99 -10.96
N ASN B 47 -10.95 -21.88 -12.26
CA ASN B 47 -9.63 -21.78 -12.84
C ASN B 47 -9.24 -20.32 -12.71
N ILE B 48 -8.77 -19.97 -11.52
CA ILE B 48 -8.75 -18.57 -11.15
C ILE B 48 -7.77 -17.81 -12.04
N SER B 49 -6.74 -18.50 -12.55
CA SER B 49 -5.76 -17.87 -13.43
C SER B 49 -6.40 -17.35 -14.71
N LEU B 50 -7.47 -18.00 -15.14
CA LEU B 50 -8.20 -17.61 -16.33
C LEU B 50 -8.90 -16.24 -16.15
N TRP B 51 -9.16 -15.87 -14.90
CA TRP B 51 -9.93 -14.67 -14.62
C TRP B 51 -9.08 -13.49 -14.14
N LYS B 52 -7.76 -13.63 -14.15
CA LYS B 52 -6.88 -12.51 -13.80
C LYS B 52 -6.94 -11.41 -14.85
N ALA B 53 -6.75 -10.17 -14.39
CA ALA B 53 -6.77 -9.02 -15.26
C ALA B 53 -5.79 -9.16 -16.42
N GLU B 54 -4.59 -9.64 -16.13
CA GLU B 54 -3.57 -9.77 -17.17
C GLU B 54 -4.06 -10.68 -18.29
N SER B 55 -4.73 -11.77 -17.91
CA SER B 55 -5.24 -12.71 -18.89
C SER B 55 -6.41 -12.12 -19.72
N ILE B 56 -7.36 -11.50 -19.02
CA ILE B 56 -8.54 -10.93 -19.65
C ILE B 56 -8.13 -9.76 -20.57
N SER B 57 -7.14 -9.01 -20.11
CA SER B 57 -6.54 -7.92 -20.87
C SER B 57 -5.92 -8.40 -22.20
N LEU B 58 -5.16 -9.48 -22.14
CA LEU B 58 -4.49 -10.00 -23.33
C LEU B 58 -5.49 -10.54 -24.32
N ASP B 59 -6.47 -11.28 -23.83
CA ASP B 59 -7.44 -11.88 -24.71
C ASP B 59 -8.34 -10.85 -25.41
N PHE B 60 -8.66 -9.75 -24.73
N PHE B 60 -8.57 -9.74 -24.73
CA PHE B 60 -9.68 -8.85 -25.29
CA PHE B 60 -9.69 -8.89 -25.07
C PHE B 60 -9.34 -7.37 -25.25
C PHE B 60 -9.36 -7.39 -25.16
N GLY B 61 -8.09 -7.03 -24.98
CA GLY B 61 -7.69 -5.64 -24.95
C GLY B 61 -7.85 -4.90 -26.27
N ASP B 62 -7.92 -5.65 -27.37
CA ASP B 62 -8.05 -5.07 -28.70
C ASP B 62 -9.50 -4.70 -29.06
N HIS B 63 -10.46 -5.32 -28.39
CA HIS B 63 -11.86 -5.01 -28.65
C HIS B 63 -12.18 -3.58 -28.18
N GLN B 64 -12.98 -2.86 -28.95
CA GLN B 64 -13.33 -1.48 -28.59
C GLN B 64 -14.62 -1.42 -27.76
N ALA B 65 -14.62 -0.53 -26.77
CA ALA B 65 -15.80 -0.34 -25.94
C ALA B 65 -15.73 1.01 -25.24
N ASP B 66 -16.87 1.46 -24.71
CA ASP B 66 -16.90 2.71 -23.96
C ASP B 66 -16.50 2.48 -22.50
N LEU B 67 -15.66 3.36 -21.97
CA LEU B 67 -15.34 3.34 -20.55
C LEU B 67 -16.11 4.45 -19.86
N LEU B 68 -16.69 4.15 -18.70
CA LEU B 68 -17.44 5.17 -17.97
C LEU B 68 -16.64 5.75 -16.82
N ASN B 69 -16.66 7.08 -16.68
CA ASN B 69 -16.17 7.70 -15.45
C ASN B 69 -17.26 7.55 -14.38
N CYS B 70 -16.94 6.85 -13.30
CA CYS B 70 -17.96 6.49 -12.32
C CYS B 70 -18.44 7.68 -11.49
N LYS B 71 -17.64 8.76 -11.48
CA LYS B 71 -18.01 9.95 -10.73
C LYS B 71 -19.22 10.65 -11.39
N ASP B 72 -19.15 10.83 -12.70
CA ASP B 72 -20.19 11.60 -13.38
C ASP B 72 -20.97 10.83 -14.45
N SER B 73 -20.60 9.57 -14.65
CA SER B 73 -21.21 8.70 -15.65
C SER B 73 -21.09 9.26 -17.06
N ILE B 74 -20.06 10.06 -17.30
CA ILE B 74 -19.73 10.52 -18.64
C ILE B 74 -18.74 9.55 -19.27
N ILE B 75 -18.99 9.15 -20.50
CA ILE B 75 -18.07 8.25 -21.19
C ILE B 75 -16.70 8.91 -21.36
N SER B 76 -15.67 8.16 -21.03
CA SER B 76 -14.30 8.65 -21.01
C SER B 76 -13.63 8.60 -22.37
N ASN B 77 -12.59 9.39 -22.54
CA ASN B 77 -11.80 9.38 -23.78
C ASN B 77 -10.89 8.16 -23.85
N ALA B 78 -10.71 7.48 -22.72
CA ALA B 78 -9.82 6.32 -22.69
C ALA B 78 -10.37 5.19 -23.54
N ASN B 79 -9.47 4.41 -24.13
CA ASN B 79 -9.88 3.19 -24.82
C ASN B 79 -9.66 2.00 -23.89
N VAL B 80 -10.02 0.80 -24.36
CA VAL B 80 -9.92 -0.42 -23.56
C VAL B 80 -8.49 -0.71 -23.14
N LYS B 81 -7.56 -0.52 -24.06
CA LYS B 81 -6.15 -0.74 -23.78
C LYS B 81 -5.67 0.15 -22.64
N GLU B 82 -6.05 1.42 -22.69
CA GLU B 82 -5.65 2.36 -21.66
C GLU B 82 -6.32 2.03 -20.33
N PHE B 83 -7.56 1.52 -20.41
CA PHE B 83 -8.28 1.09 -19.22
C PHE B 83 -7.51 0.00 -18.49
N TRP B 84 -7.10 -1.03 -19.23
CA TRP B 84 -6.41 -2.13 -18.57
C TRP B 84 -5.00 -1.72 -18.13
N ASP B 85 -4.36 -0.83 -18.88
CA ASP B 85 -3.06 -0.30 -18.47
C ASP B 85 -3.13 0.37 -17.11
N GLY B 86 -4.27 1.00 -16.82
CA GLY B 86 -4.46 1.69 -15.54
C GLY B 86 -5.10 0.88 -14.42
N PHE B 87 -5.48 -0.37 -14.70
CA PHE B 87 -6.20 -1.21 -13.73
C PHE B 87 -5.43 -1.34 -12.43
N GLU B 88 -4.12 -1.57 -12.53
CA GLU B 88 -3.27 -1.66 -11.35
C GLU B 88 -2.16 -0.62 -11.34
N GLU B 89 -1.95 0.08 -12.45
CA GLU B 89 -0.93 1.13 -12.47
C GLU B 89 -1.59 2.50 -12.49
N VAL B 90 -1.63 3.11 -11.32
CA VAL B 90 -2.37 4.35 -11.14
C VAL B 90 -1.80 5.46 -12.02
N SER B 91 -0.49 5.44 -12.24
CA SER B 91 0.16 6.52 -12.96
C SER B 91 -0.28 6.54 -14.43
N LYS B 92 -0.83 5.42 -14.91
CA LYS B 92 -1.28 5.33 -16.30
C LYS B 92 -2.75 5.70 -16.49
N ARG B 93 -3.40 6.16 -15.42
CA ARG B 93 -4.77 6.66 -15.43
C ARG B 93 -4.82 8.14 -15.74
N GLN B 94 -5.88 8.61 -16.39
CA GLN B 94 -5.97 10.05 -16.62
C GLN B 94 -6.35 10.87 -15.36
N LYS B 95 -5.80 12.08 -15.28
CA LYS B 95 -6.03 13.07 -14.22
C LYS B 95 -7.32 13.83 -14.48
N GLU B 100 -5.40 14.41 -9.78
CA GLU B 100 -6.46 13.51 -9.33
C GLU B 100 -6.90 12.56 -10.46
N THR B 101 -6.69 11.26 -10.26
CA THR B 101 -7.02 10.30 -11.31
C THR B 101 -8.48 9.87 -11.24
N VAL B 102 -9.00 9.35 -12.33
CA VAL B 102 -10.40 8.99 -12.42
C VAL B 102 -10.68 7.52 -12.10
N VAL B 103 -11.94 7.25 -11.80
CA VAL B 103 -12.43 5.91 -11.55
C VAL B 103 -13.18 5.43 -12.78
N LEU B 104 -12.59 4.49 -13.51
CA LEU B 104 -13.17 4.01 -14.76
C LEU B 104 -13.85 2.66 -14.57
N LYS B 105 -14.91 2.44 -15.35
CA LYS B 105 -15.58 1.14 -15.36
C LYS B 105 -15.82 0.69 -16.78
N LEU B 106 -15.54 -0.60 -17.01
CA LEU B 106 -15.82 -1.28 -18.27
C LEU B 106 -17.06 -2.11 -18.00
N LYS B 107 -18.22 -1.53 -18.29
CA LYS B 107 -19.50 -2.09 -17.84
C LYS B 107 -20.08 -3.11 -18.81
N ASP B 108 -20.50 -4.24 -18.27
CA ASP B 108 -21.14 -5.33 -19.02
C ASP B 108 -20.42 -5.65 -20.33
N TRP B 109 -19.10 -5.75 -20.32
N TRP B 109 -19.09 -5.53 -20.24
CA TRP B 109 -18.41 -6.04 -21.57
CA TRP B 109 -18.08 -6.04 -21.16
C TRP B 109 -17.40 -7.13 -21.36
C TRP B 109 -18.19 -7.54 -21.06
N PRO B 110 -17.61 -8.28 -22.02
CA PRO B 110 -18.68 -8.85 -22.86
C PRO B 110 -19.89 -9.38 -22.11
N SER B 111 -21.05 -9.40 -22.77
CA SER B 111 -22.25 -9.84 -22.11
C SER B 111 -23.13 -10.68 -23.01
N GLY B 112 -23.99 -11.47 -22.39
CA GLY B 112 -24.92 -12.31 -23.12
C GLY B 112 -24.21 -13.26 -24.06
N GLU B 113 -24.67 -13.30 -25.30
CA GLU B 113 -24.12 -14.22 -26.29
C GLU B 113 -22.67 -13.93 -26.56
N ASP B 114 -22.31 -12.65 -26.59
CA ASP B 114 -20.92 -12.26 -26.78
C ASP B 114 -20.03 -12.85 -25.69
N PHE B 115 -20.52 -12.89 -24.46
CA PHE B 115 -19.75 -13.51 -23.38
C PHE B 115 -19.46 -14.95 -23.73
N LYS B 116 -20.53 -15.70 -24.05
CA LYS B 116 -20.41 -17.13 -24.38
C LYS B 116 -19.55 -17.39 -25.60
N THR B 117 -19.68 -16.55 -26.62
CA THR B 117 -18.95 -16.80 -27.86
C THR B 117 -17.54 -16.22 -27.81
N MET B 118 -17.38 -15.06 -27.16
CA MET B 118 -16.05 -14.46 -27.15
C MET B 118 -15.18 -15.01 -26.01
N MET B 119 -15.81 -15.45 -24.92
CA MET B 119 -15.05 -16.03 -23.82
C MET B 119 -15.51 -17.45 -23.49
N PRO B 120 -15.40 -18.38 -24.46
CA PRO B 120 -15.97 -19.72 -24.22
C PRO B 120 -15.34 -20.48 -23.06
N ALA B 121 -14.03 -20.36 -22.87
CA ALA B 121 -13.38 -21.12 -21.79
C ALA B 121 -13.82 -20.56 -20.44
N ARG B 122 -13.98 -19.25 -20.38
CA ARG B 122 -14.45 -18.65 -19.14
C ARG B 122 -15.91 -18.97 -18.90
N TYR B 123 -16.72 -19.02 -19.95
CA TYR B 123 -18.11 -19.40 -19.77
C TYR B 123 -18.22 -20.84 -19.26
N GLU B 124 -17.38 -21.73 -19.80
CA GLU B 124 -17.36 -23.11 -19.35
C GLU B 124 -16.93 -23.18 -17.88
N ASP B 125 -15.90 -22.39 -17.53
CA ASP B 125 -15.42 -22.38 -16.16
C ASP B 125 -16.48 -21.83 -15.21
N LEU B 126 -17.22 -20.81 -15.67
CA LEU B 126 -18.30 -20.24 -14.87
C LEU B 126 -19.39 -21.28 -14.60
N LEU B 127 -19.84 -21.96 -15.64
CA LEU B 127 -20.86 -23.00 -15.49
C LEU B 127 -20.43 -24.03 -14.45
N LYS B 128 -19.18 -24.48 -14.59
CA LYS B 128 -18.62 -25.48 -13.70
C LYS B 128 -18.59 -25.01 -12.25
N SER B 129 -18.47 -23.69 -12.08
CA SER B 129 -18.16 -23.14 -10.76
C SER B 129 -19.32 -22.44 -10.06
N LEU B 130 -20.44 -22.21 -10.75
CA LEU B 130 -21.58 -21.52 -10.12
C LEU B 130 -22.01 -22.23 -8.83
N PRO B 131 -22.15 -21.46 -7.72
CA PRO B 131 -22.62 -22.08 -6.48
C PRO B 131 -24.12 -22.28 -6.54
N LEU B 132 -24.65 -22.97 -5.54
CA LEU B 132 -26.08 -23.26 -5.46
C LEU B 132 -26.62 -23.69 -6.83
N PRO B 133 -25.97 -24.69 -7.45
CA PRO B 133 -26.26 -24.97 -8.87
C PRO B 133 -27.71 -25.36 -9.12
N GLU B 134 -28.40 -25.87 -8.10
CA GLU B 134 -29.83 -26.15 -8.18
C GLU B 134 -30.61 -24.91 -8.62
N TYR B 135 -30.16 -23.72 -8.21
CA TYR B 135 -30.79 -22.46 -8.60
C TYR B 135 -30.06 -21.72 -9.71
N CYS B 136 -28.73 -21.67 -9.61
CA CYS B 136 -27.94 -20.72 -10.39
C CYS B 136 -27.42 -21.29 -11.70
N ASN B 137 -27.31 -22.63 -11.78
CA ASN B 137 -26.82 -23.28 -12.99
C ASN B 137 -27.99 -23.45 -13.98
N PRO B 138 -27.73 -23.32 -15.28
CA PRO B 138 -28.85 -23.44 -16.24
C PRO B 138 -29.57 -24.78 -16.17
N GLU B 139 -28.85 -25.82 -15.77
CA GLU B 139 -29.41 -27.16 -15.65
C GLU B 139 -29.90 -27.43 -14.23
N GLY B 140 -29.88 -26.41 -13.37
CA GLY B 140 -30.37 -26.58 -12.02
C GLY B 140 -31.87 -26.88 -12.01
N LYS B 141 -32.30 -27.77 -11.13
CA LYS B 141 -33.69 -28.20 -11.13
C LYS B 141 -34.66 -27.07 -10.73
N PHE B 142 -34.19 -26.08 -9.97
CA PHE B 142 -35.05 -24.96 -9.60
C PHE B 142 -34.90 -23.74 -10.51
N ASN B 143 -34.07 -23.87 -11.54
CA ASN B 143 -33.85 -22.75 -12.47
C ASN B 143 -34.78 -22.86 -13.70
N LEU B 144 -35.65 -21.88 -13.88
CA LEU B 144 -36.63 -21.92 -14.97
C LEU B 144 -36.15 -21.26 -16.26
N ALA B 145 -35.00 -20.58 -16.20
CA ALA B 145 -34.54 -19.70 -17.28
C ALA B 145 -34.55 -20.33 -18.68
N SER B 146 -34.03 -21.55 -18.79
CA SER B 146 -33.91 -22.16 -20.11
C SER B 146 -35.14 -23.02 -20.42
N HIS B 147 -36.19 -22.86 -19.62
CA HIS B 147 -37.42 -23.62 -19.83
C HIS B 147 -38.58 -22.72 -20.25
N LEU B 148 -38.58 -21.48 -19.78
CA LEU B 148 -39.67 -20.56 -20.07
C LEU B 148 -39.75 -20.26 -21.56
N PRO B 149 -40.98 -20.17 -22.10
CA PRO B 149 -41.20 -19.76 -23.49
C PRO B 149 -40.71 -18.34 -23.74
N GLY B 150 -40.56 -17.98 -25.01
CA GLY B 150 -39.93 -16.73 -25.43
C GLY B 150 -40.47 -15.47 -24.79
N PHE B 151 -41.77 -15.41 -24.55
CA PHE B 151 -42.41 -14.19 -24.08
C PHE B 151 -41.90 -13.76 -22.70
N PHE B 152 -41.42 -14.75 -21.94
CA PHE B 152 -40.88 -14.55 -20.61
C PHE B 152 -39.40 -14.14 -20.52
N VAL B 153 -38.65 -14.30 -21.61
CA VAL B 153 -37.21 -14.16 -21.51
C VAL B 153 -36.74 -12.71 -21.60
N ARG B 154 -35.76 -12.37 -20.76
CA ARG B 154 -35.06 -11.11 -20.93
C ARG B 154 -34.35 -11.18 -22.27
N PRO B 155 -34.20 -10.03 -22.94
CA PRO B 155 -33.42 -10.09 -24.18
C PRO B 155 -31.96 -10.40 -23.84
N ASP B 156 -31.60 -11.69 -23.93
CA ASP B 156 -30.26 -12.18 -23.58
C ASP B 156 -29.77 -11.65 -22.22
N LEU B 157 -28.81 -10.71 -22.29
CA LEU B 157 -28.33 -9.93 -21.14
C LEU B 157 -27.39 -10.61 -20.14
N GLY B 158 -27.05 -11.89 -20.31
CA GLY B 158 -26.11 -12.52 -19.36
C GLY B 158 -25.50 -13.82 -19.85
N PRO B 159 -24.36 -14.23 -19.25
CA PRO B 159 -23.59 -13.63 -18.14
C PRO B 159 -22.91 -12.32 -18.54
N ARG B 160 -22.51 -11.52 -17.56
CA ARG B 160 -21.91 -10.21 -17.82
C ARG B 160 -20.60 -10.09 -17.05
N LEU B 161 -19.58 -9.54 -17.70
CA LEU B 161 -18.35 -9.20 -17.02
C LEU B 161 -18.34 -7.71 -16.68
N CSD B 162 -17.99 -7.38 -15.45
N CSD B 162 -17.98 -7.38 -15.45
CA CSD B 162 -17.88 -6.00 -15.04
CA CSD B 162 -17.88 -6.00 -15.03
CB CSD B 162 -18.99 -5.62 -14.05
CB CSD B 162 -19.03 -5.61 -14.11
SG CSD B 162 -19.42 -3.93 -14.20
SG CSD B 162 -20.57 -6.00 -14.87
C CSD B 162 -16.53 -5.79 -14.37
C CSD B 162 -16.56 -5.75 -14.33
O CSD B 162 -16.12 -6.52 -13.48
O CSD B 162 -16.19 -6.40 -13.35
OD1 CSD B 162 -20.73 -3.92 -13.11
OD1 CSD B 162 -20.93 -7.41 -14.00
OD2 CSD B 162 -18.50 -3.22 -13.32
OD2 CSD B 162 -21.57 -5.15 -14.25
N SER B 163 -15.82 -4.78 -14.85
CA SER B 163 -14.47 -4.48 -14.38
C SER B 163 -14.39 -2.99 -14.07
N ALA B 164 -13.86 -2.64 -12.91
CA ALA B 164 -13.72 -1.22 -12.60
C ALA B 164 -12.58 -0.95 -11.65
N TYR B 165 -12.01 0.26 -11.71
CA TYR B 165 -11.04 0.67 -10.73
C TYR B 165 -11.68 0.76 -9.34
N GLY B 166 -10.86 0.79 -8.29
CA GLY B 166 -11.35 1.16 -6.97
C GLY B 166 -11.32 2.69 -6.80
N VAL B 167 -12.04 3.18 -5.81
CA VAL B 167 -12.15 4.62 -5.59
C VAL B 167 -11.01 5.17 -4.72
N VAL B 168 -10.12 4.29 -4.25
CA VAL B 168 -9.11 4.71 -3.27
C VAL B 168 -8.11 5.76 -3.78
N ALA B 169 -7.56 5.60 -5.00
CA ALA B 169 -6.61 6.59 -5.53
C ALA B 169 -7.23 7.99 -5.67
N ALA B 170 -8.50 8.07 -6.07
CA ALA B 170 -9.17 9.34 -6.21
C ALA B 170 -9.56 9.94 -4.86
N LYS B 171 -9.47 9.13 -3.79
CA LYS B 171 -9.82 9.57 -2.44
C LYS B 171 -11.22 10.19 -2.37
N ASP B 172 -12.15 9.62 -3.11
CA ASP B 172 -13.51 10.12 -3.17
C ASP B 172 -14.48 8.98 -2.89
N HIS B 173 -14.89 8.83 -1.64
CA HIS B 173 -15.78 7.74 -1.29
C HIS B 173 -17.24 8.14 -1.44
N ASP B 174 -17.48 9.25 -2.15
CA ASP B 174 -18.82 9.55 -2.65
C ASP B 174 -19.07 8.88 -4.01
N ILE B 175 -18.06 8.25 -4.57
CA ILE B 175 -18.20 7.61 -5.88
C ILE B 175 -18.67 6.17 -5.78
N GLY B 176 -19.71 5.83 -6.52
CA GLY B 176 -20.13 4.45 -6.65
C GLY B 176 -19.59 3.84 -7.93
N THR B 177 -19.05 2.63 -7.83
CA THR B 177 -18.66 1.92 -9.05
C THR B 177 -19.91 1.23 -9.61
N THR B 178 -20.89 0.99 -8.74
CA THR B 178 -22.22 0.64 -9.21
C THR B 178 -23.24 1.46 -8.45
N ASN B 179 -23.96 2.32 -9.14
CA ASN B 179 -24.90 3.18 -8.43
C ASN B 179 -26.11 2.40 -7.91
N LEU B 180 -26.81 3.00 -6.95
CA LEU B 180 -28.00 2.38 -6.41
C LEU B 180 -29.01 2.07 -7.52
N HIS B 181 -29.43 0.82 -7.57
CA HIS B 181 -30.33 0.40 -8.63
C HIS B 181 -31.07 -0.85 -8.20
N ILE B 182 -32.10 -1.21 -8.96
CA ILE B 182 -32.90 -2.39 -8.65
C ILE B 182 -32.56 -3.54 -9.58
N GLU B 183 -32.69 -4.76 -9.07
CA GLU B 183 -32.48 -5.98 -9.85
C GLU B 183 -33.75 -6.45 -10.52
N VAL B 184 -33.72 -6.56 -11.85
CA VAL B 184 -34.90 -6.98 -12.59
C VAL B 184 -35.11 -8.49 -12.50
N ASP B 185 -34.04 -9.25 -12.35
CA ASP B 185 -34.19 -10.67 -12.09
C ASP B 185 -33.21 -11.18 -11.04
N ASP B 186 -33.30 -12.47 -10.77
CA ASP B 186 -32.40 -13.11 -9.84
C ASP B 186 -31.00 -13.08 -10.47
N VAL B 187 -30.00 -12.80 -9.64
CA VAL B 187 -28.66 -12.67 -10.16
C VAL B 187 -27.62 -13.14 -9.14
N VAL B 188 -26.54 -13.74 -9.63
CA VAL B 188 -25.41 -14.05 -8.78
C VAL B 188 -24.21 -13.27 -9.26
N ASN B 189 -23.58 -12.57 -8.31
CA ASN B 189 -22.40 -11.75 -8.59
CA ASN B 189 -22.40 -11.75 -8.59
C ASN B 189 -21.17 -12.35 -7.94
N ILE B 190 -20.20 -12.75 -8.76
CA ILE B 190 -19.00 -13.39 -8.24
C ILE B 190 -17.80 -12.48 -8.45
N LEU B 191 -17.09 -12.19 -7.37
CA LEU B 191 -15.86 -11.43 -7.46
C LEU B 191 -14.74 -12.39 -7.84
N VAL B 192 -14.26 -12.31 -9.08
CA VAL B 192 -13.34 -13.32 -9.59
C VAL B 192 -11.90 -12.82 -9.63
N TYR B 193 -11.71 -11.52 -9.43
CA TYR B 193 -10.37 -10.95 -9.38
C TYR B 193 -10.35 -9.64 -8.63
N VAL B 194 -9.36 -9.52 -7.75
CA VAL B 194 -9.07 -8.29 -7.05
C VAL B 194 -7.69 -7.79 -7.45
N GLY B 195 -7.64 -6.58 -7.98
CA GLY B 195 -6.37 -6.03 -8.44
C GLY B 195 -5.90 -4.95 -7.48
N ILE B 196 -4.74 -5.19 -6.86
CA ILE B 196 -4.12 -4.22 -5.96
C ILE B 196 -3.36 -3.20 -6.77
N ALA B 197 -3.80 -1.95 -6.71
CA ALA B 197 -3.23 -0.90 -7.54
C ALA B 197 -1.95 -0.33 -6.89
N LYS B 198 -1.03 0.17 -7.72
N LYS B 198 -1.08 0.23 -7.72
CA LYS B 198 0.27 0.67 -7.25
CA LYS B 198 0.20 0.74 -7.23
C LYS B 198 0.70 2.00 -7.87
C LYS B 198 0.56 2.10 -7.81
N GLY B 199 1.37 2.84 -7.08
CA GLY B 199 1.98 4.03 -7.65
C GLY B 199 1.18 5.28 -7.45
N ASN B 200 1.78 6.40 -7.82
CA ASN B 200 1.12 7.70 -7.76
C ASN B 200 0.60 8.03 -6.37
N GLY B 201 1.28 7.51 -5.36
CA GLY B 201 0.92 7.81 -3.99
C GLY B 201 -0.31 7.09 -3.45
N ILE B 202 -0.82 6.10 -4.18
CA ILE B 202 -2.00 5.41 -3.67
C ILE B 202 -1.71 4.66 -2.36
N LEU B 203 -2.69 4.67 -1.47
CA LEU B 203 -2.63 3.88 -0.25
C LEU B 203 -2.36 2.40 -0.58
N SER B 204 -1.53 1.74 0.22
CA SER B 204 -1.23 0.34 -0.03
C SER B 204 -2.33 -0.59 0.50
N LYS B 205 -2.20 -1.87 0.15
CA LYS B 205 -3.06 -2.94 0.62
C LYS B 205 -3.34 -2.82 2.11
N ALA B 206 -2.30 -2.56 2.89
CA ALA B 206 -2.47 -2.50 4.34
C ALA B 206 -3.33 -1.33 4.79
N GLY B 207 -3.11 -0.17 4.19
CA GLY B 207 -3.90 1.00 4.52
C GLY B 207 -5.33 0.87 4.01
N ILE B 208 -5.51 0.15 2.92
CA ILE B 208 -6.84 0.00 2.36
C ILE B 208 -7.64 -0.95 3.24
N LEU B 209 -6.98 -1.96 3.81
CA LEU B 209 -7.62 -2.81 4.81
C LEU B 209 -8.14 -1.98 5.97
N LYS B 210 -7.37 -0.98 6.39
CA LYS B 210 -7.81 -0.15 7.50
C LYS B 210 -9.00 0.70 7.13
N LYS B 211 -9.09 1.09 5.86
CA LYS B 211 -10.25 1.83 5.41
C LYS B 211 -11.50 0.94 5.51
N PHE B 212 -11.36 -0.34 5.12
CA PHE B 212 -12.46 -1.28 5.25
C PHE B 212 -12.86 -1.39 6.72
N GLU B 213 -11.85 -1.42 7.59
CA GLU B 213 -12.11 -1.60 9.01
C GLU B 213 -12.79 -0.38 9.61
N GLU B 214 -12.67 0.77 8.97
CA GLU B 214 -13.33 1.98 9.45
C GLU B 214 -14.81 2.04 9.09
N GLU B 215 -15.28 1.09 8.29
CA GLU B 215 -16.70 1.03 7.94
C GLU B 215 -17.54 0.48 9.10
N ASP B 216 -18.82 0.81 9.08
CA ASP B 216 -19.78 0.24 10.02
C ASP B 216 -20.11 -1.20 9.62
N LEU B 217 -19.51 -2.15 10.32
CA LEU B 217 -19.61 -3.57 9.95
C LEU B 217 -20.19 -4.47 11.04
N ASP B 218 -20.89 -5.52 10.59
CA ASP B 218 -21.20 -6.65 11.45
C ASP B 218 -19.92 -7.25 12.05
N ASP B 219 -20.02 -7.72 13.29
CA ASP B 219 -18.87 -8.31 13.99
C ASP B 219 -18.30 -9.47 13.18
N ILE B 220 -19.22 -10.25 12.60
CA ILE B 220 -18.85 -11.38 11.76
C ILE B 220 -17.94 -10.96 10.61
N LEU B 221 -18.23 -9.80 10.00
CA LEU B 221 -17.42 -9.28 8.91
C LEU B 221 -16.04 -8.86 9.36
N ARG B 222 -15.96 -8.20 10.52
CA ARG B 222 -14.68 -7.77 11.09
C ARG B 222 -13.73 -8.91 11.25
N LYS B 223 -14.27 -10.07 11.64
CA LYS B 223 -13.48 -11.28 11.81
C LYS B 223 -12.82 -11.67 10.49
N ARG B 224 -13.62 -11.73 9.43
CA ARG B 224 -13.11 -12.08 8.11
C ARG B 224 -11.96 -11.18 7.69
N LEU B 225 -12.08 -9.88 7.97
CA LEU B 225 -11.06 -8.93 7.57
C LEU B 225 -9.71 -9.25 8.24
N LYS B 226 -9.77 -9.83 9.43
CA LYS B 226 -8.57 -10.19 10.17
C LYS B 226 -7.87 -11.43 9.57
N ASP B 227 -8.61 -12.23 8.83
CA ASP B 227 -8.05 -13.39 8.12
C ASP B 227 -7.21 -12.96 6.91
N SER B 228 -5.89 -13.09 7.01
CA SER B 228 -4.99 -12.65 5.93
C SER B 228 -5.11 -13.48 4.65
N SER B 229 -5.79 -14.61 4.72
CA SER B 229 -5.98 -15.45 3.54
C SER B 229 -7.15 -14.95 2.70
N GLU B 230 -7.92 -14.03 3.26
CA GLU B 230 -9.05 -13.40 2.57
C GLU B 230 -8.64 -12.05 1.95
N ILE B 231 -9.09 -11.81 0.72
CA ILE B 231 -8.81 -10.53 0.08
C ILE B 231 -10.09 -9.73 -0.12
N PRO B 232 -10.23 -8.62 0.63
CA PRO B 232 -11.43 -7.80 0.54
C PRO B 232 -11.37 -6.95 -0.74
N GLY B 233 -12.47 -6.86 -1.47
CA GLY B 233 -12.42 -6.17 -2.76
C GLY B 233 -13.31 -4.95 -2.83
N ALA B 234 -14.58 -5.11 -2.48
CA ALA B 234 -15.61 -4.12 -2.76
C ALA B 234 -16.59 -4.01 -1.61
N LEU B 235 -17.09 -2.80 -1.38
CA LEU B 235 -18.06 -2.53 -0.33
C LEU B 235 -19.48 -2.46 -0.92
N TRP B 236 -20.37 -3.30 -0.41
CA TRP B 236 -21.74 -3.35 -0.93
C TRP B 236 -22.71 -2.79 0.08
N HIS B 237 -23.72 -2.06 -0.39
CA HIS B 237 -24.85 -1.73 0.48
C HIS B 237 -26.11 -2.27 -0.16
N ILE B 238 -26.91 -2.99 0.63
CA ILE B 238 -28.04 -3.72 0.06
C ILE B 238 -29.30 -3.34 0.82
N TYR B 239 -30.40 -3.19 0.10
CA TYR B 239 -31.65 -2.80 0.72
C TYR B 239 -32.74 -3.83 0.48
N ALA B 240 -33.59 -4.00 1.49
CA ALA B 240 -34.75 -4.88 1.36
C ALA B 240 -35.64 -4.32 0.27
N GLY B 241 -36.06 -5.20 -0.64
CA GLY B 241 -36.92 -4.82 -1.75
C GLY B 241 -38.21 -4.17 -1.31
N LYS B 242 -38.60 -4.41 -0.06
CA LYS B 242 -39.80 -3.80 0.50
C LYS B 242 -39.64 -2.29 0.64
N ASP B 243 -38.41 -1.83 0.82
CA ASP B 243 -38.13 -0.43 1.13
C ASP B 243 -37.96 0.48 -0.08
N VAL B 244 -38.25 -0.04 -1.27
CA VAL B 244 -37.98 0.68 -2.50
C VAL B 244 -38.71 2.02 -2.55
N ASP B 245 -39.97 2.05 -2.10
CA ASP B 245 -40.78 3.28 -2.15
C ASP B 245 -40.28 4.33 -1.17
N LYS B 246 -39.88 3.90 0.02
CA LYS B 246 -39.35 4.83 1.02
C LYS B 246 -38.02 5.43 0.56
N ILE B 247 -37.18 4.62 -0.06
CA ILE B 247 -35.88 5.06 -0.58
C ILE B 247 -36.03 6.07 -1.71
N ARG B 248 -36.93 5.77 -2.64
CA ARG B 248 -37.21 6.68 -3.75
C ARG B 248 -37.69 8.04 -3.25
N GLU B 249 -38.58 8.03 -2.27
CA GLU B 249 -39.10 9.28 -1.72
C GLU B 249 -38.00 10.07 -1.02
N PHE B 250 -37.14 9.36 -0.29
CA PHE B 250 -36.01 10.00 0.39
C PHE B 250 -35.10 10.69 -0.60
N LEU B 251 -34.80 10.03 -1.71
CA LEU B 251 -33.85 10.57 -2.68
C LEU B 251 -34.45 11.77 -3.40
N GLN B 252 -35.76 11.72 -3.68
CA GLN B 252 -36.44 12.87 -4.27
C GLN B 252 -36.39 14.06 -3.32
N LYS B 253 -36.52 13.79 -2.02
CA LYS B 253 -36.44 14.84 -1.00
C LYS B 253 -35.04 15.45 -0.92
N ILE B 254 -34.01 14.61 -0.96
CA ILE B 254 -32.63 15.07 -0.95
C ILE B 254 -32.35 15.89 -2.21
N SER B 255 -32.89 15.42 -3.33
CA SER B 255 -32.71 16.07 -4.62
C SER B 255 -33.27 17.50 -4.60
N LYS B 256 -34.48 17.66 -4.08
CA LYS B 256 -35.10 18.97 -3.98
C LYS B 256 -34.27 19.87 -3.08
N GLU B 257 -33.82 19.33 -1.95
CA GLU B 257 -32.99 20.08 -1.00
C GLU B 257 -31.67 20.52 -1.62
N GLN B 258 -31.00 19.60 -2.31
CA GLN B 258 -29.69 19.88 -2.87
C GLN B 258 -29.79 20.76 -4.11
N GLY B 259 -30.99 21.23 -4.40
CA GLY B 259 -31.23 22.12 -5.52
C GLY B 259 -31.16 21.44 -6.87
N LEU B 260 -30.98 20.12 -6.87
CA LEU B 260 -30.96 19.38 -8.12
C LEU B 260 -32.30 19.55 -8.81
N GLU B 261 -32.32 20.36 -9.86
CA GLU B 261 -33.54 20.57 -10.64
C GLU B 261 -33.96 19.23 -11.20
N VAL B 262 -35.28 18.98 -11.24
CA VAL B 262 -35.76 17.70 -11.73
C VAL B 262 -37.01 17.80 -12.61
N LEU B 263 -37.25 16.74 -13.38
CA LEU B 263 -38.53 16.56 -14.05
C LEU B 263 -39.53 16.13 -12.98
N PRO B 264 -40.83 16.35 -13.23
CA PRO B 264 -41.84 15.89 -12.27
C PRO B 264 -41.84 14.37 -12.06
N GLU B 265 -41.98 13.60 -13.14
CA GLU B 265 -42.04 12.14 -13.02
C GLU B 265 -40.64 11.52 -12.93
N HIS B 266 -39.81 12.07 -12.05
CA HIS B 266 -38.41 11.68 -11.92
C HIS B 266 -38.20 10.54 -10.91
N ASP B 267 -37.71 9.40 -11.40
CA ASP B 267 -37.52 8.18 -10.58
C ASP B 267 -36.03 7.90 -10.37
N PRO B 268 -35.49 8.36 -9.23
CA PRO B 268 -34.04 8.26 -8.96
C PRO B 268 -33.51 6.82 -8.92
N ILE B 269 -34.38 5.85 -8.65
CA ILE B 269 -33.99 4.44 -8.69
C ILE B 269 -33.82 4.00 -10.13
N ARG B 270 -34.79 4.38 -10.96
CA ARG B 270 -34.75 4.04 -12.37
C ARG B 270 -33.56 4.68 -13.06
N ASP B 271 -33.28 5.93 -12.71
CA ASP B 271 -32.16 6.69 -13.28
C ASP B 271 -30.80 6.06 -12.99
N GLN B 272 -30.72 5.35 -11.86
CA GLN B 272 -29.46 4.77 -11.41
C GLN B 272 -28.39 5.87 -11.33
N SER B 273 -28.76 6.99 -10.74
CA SER B 273 -27.88 8.16 -10.77
C SER B 273 -27.32 8.49 -9.39
N TRP B 274 -27.70 7.71 -8.39
CA TRP B 274 -27.29 8.02 -7.03
C TRP B 274 -26.36 7.00 -6.45
N TYR B 275 -25.31 7.47 -5.80
CA TYR B 275 -24.59 6.66 -4.86
C TYR B 275 -24.88 7.22 -3.47
N VAL B 276 -25.51 6.41 -2.63
CA VAL B 276 -25.92 6.89 -1.32
C VAL B 276 -24.75 6.80 -0.36
N ASN B 277 -24.07 7.93 -0.16
CA ASN B 277 -22.88 7.93 0.69
C ASN B 277 -23.25 7.77 2.16
N LYS B 278 -22.23 7.74 3.00
CA LYS B 278 -22.40 7.45 4.42
C LYS B 278 -23.38 8.40 5.10
N LYS B 279 -23.18 9.69 4.90
CA LYS B 279 -24.06 10.69 5.54
C LYS B 279 -25.50 10.52 5.06
N LEU B 280 -25.70 10.30 3.77
CA LEU B 280 -27.05 10.08 3.27
C LEU B 280 -27.67 8.78 3.85
N ARG B 281 -26.88 7.72 3.96
CA ARG B 281 -27.40 6.48 4.54
C ARG B 281 -27.83 6.67 5.97
N GLN B 282 -27.08 7.49 6.70
CA GLN B 282 -27.41 7.82 8.08
C GLN B 282 -28.76 8.53 8.19
N ARG B 283 -28.96 9.54 7.34
CA ARG B 283 -30.22 10.30 7.29
C ARG B 283 -31.39 9.44 6.84
N LEU B 284 -31.13 8.53 5.91
CA LEU B 284 -32.15 7.60 5.43
C LEU B 284 -32.67 6.77 6.60
N LEU B 285 -31.75 6.36 7.47
CA LEU B 285 -32.08 5.64 8.68
C LEU B 285 -32.96 6.51 9.59
N GLU B 286 -32.48 7.70 9.88
CA GLU B 286 -33.13 8.62 10.81
C GLU B 286 -34.49 9.13 10.34
N GLU B 287 -34.57 9.54 9.08
CA GLU B 287 -35.76 10.22 8.58
C GLU B 287 -36.81 9.26 8.05
N TYR B 288 -36.40 8.03 7.74
CA TYR B 288 -37.35 7.06 7.19
C TYR B 288 -37.32 5.67 7.85
N GLY B 289 -36.40 5.44 8.77
CA GLY B 289 -36.32 4.15 9.43
C GLY B 289 -35.82 3.01 8.56
N VAL B 290 -35.27 3.33 7.40
CA VAL B 290 -34.79 2.30 6.47
C VAL B 290 -33.34 1.92 6.81
N ARG B 291 -33.13 0.64 7.10
CA ARG B 291 -31.80 0.18 7.50
C ARG B 291 -30.97 -0.26 6.29
N THR B 292 -29.67 -0.02 6.38
CA THR B 292 -28.72 -0.42 5.34
C THR B 292 -28.01 -1.72 5.71
N CYS B 293 -27.98 -2.66 4.77
N CYS B 293 -28.02 -2.70 4.81
CA CYS B 293 -27.16 -3.86 4.91
CA CYS B 293 -27.14 -3.84 4.99
C CYS B 293 -25.78 -3.64 4.30
C CYS B 293 -25.80 -3.61 4.32
N THR B 294 -24.74 -3.65 5.13
CA THR B 294 -23.39 -3.46 4.62
C THR B 294 -22.69 -4.80 4.48
N LEU B 295 -22.12 -5.01 3.30
CA LEU B 295 -21.38 -6.23 3.00
C LEU B 295 -20.01 -5.88 2.42
N ILE B 296 -18.99 -6.63 2.81
CA ILE B 296 -17.74 -6.57 2.09
C ILE B 296 -17.63 -7.82 1.23
N GLN B 297 -17.39 -7.63 -0.06
CA GLN B 297 -17.26 -8.76 -0.96
C GLN B 297 -15.79 -9.10 -1.08
N PHE B 298 -15.44 -10.32 -0.70
CA PHE B 298 -14.07 -10.79 -0.80
C PHE B 298 -13.89 -11.60 -2.08
N LEU B 299 -12.65 -11.71 -2.55
CA LEU B 299 -12.33 -12.58 -3.68
C LEU B 299 -12.98 -13.97 -3.52
N GLY B 300 -13.70 -14.38 -4.56
CA GLY B 300 -14.39 -15.66 -4.54
C GLY B 300 -15.78 -15.64 -3.91
N ASP B 301 -16.21 -14.50 -3.36
CA ASP B 301 -17.56 -14.35 -2.82
C ASP B 301 -18.62 -14.21 -3.92
N ALA B 302 -19.62 -15.08 -3.88
CA ALA B 302 -20.75 -15.02 -4.81
C ALA B 302 -21.94 -14.42 -4.08
N ILE B 303 -22.36 -13.23 -4.46
CA ILE B 303 -23.49 -12.57 -3.80
C ILE B 303 -24.75 -12.86 -4.62
N VAL B 304 -25.75 -13.45 -3.98
CA VAL B 304 -26.96 -13.90 -4.68
C VAL B 304 -28.16 -13.06 -4.26
N LEU B 305 -28.70 -12.30 -5.21
CA LEU B 305 -29.78 -11.34 -4.96
C LEU B 305 -31.05 -11.70 -5.71
N PRO B 306 -32.20 -11.56 -5.05
CA PRO B 306 -33.48 -11.84 -5.71
C PRO B 306 -33.91 -10.66 -6.56
N ALA B 307 -34.68 -10.93 -7.60
CA ALA B 307 -35.33 -9.89 -8.36
C ALA B 307 -35.95 -8.86 -7.42
N GLY B 308 -35.66 -7.58 -7.64
CA GLY B 308 -36.26 -6.55 -6.82
C GLY B 308 -35.40 -6.01 -5.70
N ALA B 309 -34.36 -6.74 -5.31
CA ALA B 309 -33.42 -6.20 -4.33
C ALA B 309 -32.75 -4.94 -4.89
N LEU B 310 -32.44 -4.01 -4.02
CA LEU B 310 -31.67 -2.83 -4.41
C LEU B 310 -30.28 -2.89 -3.83
N HIS B 311 -29.30 -2.43 -4.61
CA HIS B 311 -27.96 -2.30 -4.09
C HIS B 311 -27.09 -1.31 -4.86
N GLN B 312 -26.00 -0.95 -4.23
CA GLN B 312 -24.94 -0.16 -4.80
C GLN B 312 -23.62 -0.81 -4.42
N VAL B 313 -22.58 -0.50 -5.17
CA VAL B 313 -21.27 -1.05 -4.92
C VAL B 313 -20.19 0.03 -5.01
N GLN B 314 -19.18 -0.09 -4.15
CA GLN B 314 -18.01 0.77 -4.23
C GLN B 314 -16.72 -0.05 -4.14
N ASN B 315 -16.06 -0.28 -5.27
CA ASN B 315 -14.77 -0.96 -5.29
C ASN B 315 -13.73 -0.17 -4.50
N PHE B 316 -12.97 -0.86 -3.65
CA PHE B 316 -11.84 -0.22 -2.99
C PHE B 316 -10.57 -0.55 -3.77
N HIS B 317 -10.37 -1.84 -4.02
CA HIS B 317 -9.35 -2.29 -4.96
C HIS B 317 -10.02 -2.35 -6.32
N SER B 318 -9.25 -2.47 -7.39
CA SER B 318 -9.80 -2.80 -8.70
C SER B 318 -10.44 -4.21 -8.63
N CYS B 319 -11.62 -4.37 -9.24
CA CYS B 319 -12.38 -5.62 -9.14
C CYS B 319 -12.86 -6.05 -10.50
N ILE B 320 -12.88 -7.37 -10.71
CA ILE B 320 -13.54 -7.94 -11.87
C ILE B 320 -14.64 -8.83 -11.34
N GLN B 321 -15.87 -8.56 -11.75
CA GLN B 321 -17.00 -9.39 -11.36
CA GLN B 321 -17.04 -9.31 -11.36
C GLN B 321 -17.63 -10.07 -12.54
N VAL B 322 -18.16 -11.27 -12.31
CA VAL B 322 -18.98 -11.87 -13.34
C VAL B 322 -20.36 -12.10 -12.72
N THR B 323 -21.39 -11.71 -13.46
CA THR B 323 -22.74 -11.83 -12.93
C THR B 323 -23.54 -12.71 -13.86
N GLU B 324 -24.34 -13.58 -13.27
CA GLU B 324 -25.18 -14.49 -14.02
C GLU B 324 -26.65 -14.36 -13.59
N ASP B 325 -27.53 -14.28 -14.58
CA ASP B 325 -28.96 -14.27 -14.36
C ASP B 325 -29.49 -15.67 -14.21
N PHE B 326 -30.47 -15.84 -13.33
CA PHE B 326 -31.24 -17.07 -13.28
C PHE B 326 -32.68 -16.76 -12.94
N VAL B 327 -33.57 -17.74 -13.06
CA VAL B 327 -34.98 -17.52 -12.78
C VAL B 327 -35.52 -18.59 -11.82
N SER B 328 -35.55 -18.29 -10.54
CA SER B 328 -36.13 -19.20 -9.58
C SER B 328 -37.65 -19.03 -9.60
N PRO B 329 -38.38 -20.08 -9.17
CA PRO B 329 -39.83 -19.98 -9.06
C PRO B 329 -40.27 -18.91 -8.08
N GLU B 330 -39.54 -18.78 -6.97
CA GLU B 330 -39.91 -17.87 -5.89
C GLU B 330 -40.15 -16.41 -6.34
N HIS B 331 -39.39 -15.92 -7.31
CA HIS B 331 -39.51 -14.52 -7.69
C HIS B 331 -39.85 -14.32 -9.15
N LEU B 332 -40.35 -15.38 -9.79
CA LEU B 332 -40.72 -15.33 -11.19
C LEU B 332 -41.74 -14.22 -11.46
N VAL B 333 -42.76 -14.16 -10.63
CA VAL B 333 -43.83 -13.18 -10.84
C VAL B 333 -43.28 -11.76 -10.68
N GLU B 334 -42.55 -11.52 -9.60
CA GLU B 334 -41.94 -10.21 -9.33
C GLU B 334 -40.95 -9.85 -10.45
N SER B 335 -40.20 -10.83 -10.93
CA SER B 335 -39.25 -10.60 -12.02
C SER B 335 -39.93 -10.21 -13.32
N PHE B 336 -40.99 -10.93 -13.67
CA PHE B 336 -41.74 -10.61 -14.89
C PHE B 336 -42.27 -9.19 -14.84
N HIS B 337 -42.75 -8.81 -13.65
N HIS B 337 -42.86 -8.77 -13.74
CA HIS B 337 -43.37 -7.53 -13.33
CA HIS B 337 -43.48 -7.44 -13.72
C HIS B 337 -42.41 -6.46 -13.75
C HIS B 337 -42.47 -6.28 -13.62
N LEU B 338 -41.29 -6.54 -13.05
CA LEU B 338 -40.20 -5.57 -13.09
C LEU B 338 -39.59 -5.48 -14.47
N THR B 339 -39.53 -6.61 -15.15
CA THR B 339 -39.02 -6.62 -16.51
C THR B 339 -39.96 -5.84 -17.45
N GLN B 340 -41.26 -6.09 -17.32
CA GLN B 340 -42.26 -5.40 -18.16
C GLN B 340 -42.29 -3.92 -17.84
N GLU B 341 -42.16 -3.58 -16.56
CA GLU B 341 -42.18 -2.20 -16.11
C GLU B 341 -40.99 -1.44 -16.71
N LEU B 342 -39.97 -2.20 -17.10
CA LEU B 342 -38.85 -1.69 -17.87
C LEU B 342 -39.21 -1.71 -19.37
N ARG B 343 -39.70 -0.59 -19.88
CA ARG B 343 -40.16 -0.51 -21.26
C ARG B 343 -39.64 0.75 -21.96
MN MN C . 18.46 9.81 9.23
CL CL D . 9.58 -5.66 -5.38
MN MN E . -26.66 -5.32 -9.58
CL CL F . -12.20 -17.64 -22.75
C1 EDO G . -19.12 -26.31 -7.75
O1 EDO G . -18.56 -25.42 -6.79
C2 EDO G . -20.51 -25.83 -8.15
O2 EDO G . -21.39 -25.96 -7.04
C1 EDO H . -3.15 -5.88 -17.28
O1 EDO H . -2.30 -4.84 -17.74
C2 EDO H . -4.10 -5.33 -16.22
O2 EDO H . -3.42 -5.24 -14.96
C1 EDO I . -20.70 -5.71 -10.38
O1 EDO I . -21.59 -5.65 -11.50
C2 EDO I . -21.11 -4.72 -9.30
O2 EDO I . -22.52 -4.46 -9.37
#